data_6HIJ
#
_entry.id   6HIJ
#
_cell.length_a   1.0
_cell.length_b   1.0
_cell.length_c   1.0
_cell.angle_alpha   90.00
_cell.angle_beta   90.00
_cell.angle_gamma   90.00
#
_symmetry.space_group_name_H-M   'P 1'
#
loop_
_entity.id
_entity.type
_entity.pdbx_description
1 polymer 'ATP-binding cassette sub-family G member 2'
2 non-polymer 1,2-dioleoyl-sn-glycero-3-phosphoethanolamine
3 non-polymer CHOLESTEROL
4 non-polymer '~{tert}-butyl 3-[(2~{S},5~{S},8~{S})-14-cyclopentyloxy-2-(2-methylpropyl)-4,7-bis(oxidanylidene)-3,6,17-triazatetracyclo[8.7.0.0^{3,8}.0^{11,16}]heptadeca-1(10),11,13,15-tetraen-5-yl]propanoate'
#
_entity_poly.entity_id   1
_entity_poly.type   'polypeptide(L)'
_entity_poly.pdbx_seq_one_letter_code
;MSSSNVEVFIPVSQGNTNGFPATASNDLKAFTEGAVLSFHNICYRVKLKSGFLPCRKPVEKEILSNINGIMKPGLNAILG
PTGGGKSSLLDVLAARKDPSGLSGDVLINGAPRPANFKCNSGYVVQDDVVMGTLTVRENLQFSAALRLATTMTNHEKNER
INRVIQELGLDKVADSKVGTQFIRGVSGGERKRTSIGMELITDPSILFLDEPTTGLDSSTANAVLLLLKRMSKQGRTIIF
SIHQPRYSIFKLFDSLTLLASGRLMFHGPAQEALGYFESAGYHCEAYNNPADFFLDIINGDSTAVALNREEDFKATEIIE
PSKQDKPLIEKLAEIYVNSSFYKETKAELHQLSGGEKKKKITVFKEISYTTSFCHQLRWVSKRSFKNLLGNPQASIAQII
VTVVLGLVIGAIYFGLKNDSTGIQNRAGVLFFLTTNQCFSSVSAVELFVVEKKLFIHEYISGYYRVSSYFLGKLLSDLLP
MRMLPSIIFTCIVYFMLGLKPKADAFFVMMFTLMMVAYSASSMALAIAAGQSVVSVATLLMTICFVFMMIFSGLLVNLTT
IASWLSWLQYFSIPRYGFTALQHNEFLGQNFCPGLNATGNNPCNYATCTGEEYLVKQGIDLSPWGLWKNHVALACMIVIF
LTIAYLKLLFLKKYS
;
_entity_poly.pdbx_strand_id   A,B
#
# COMPACT_ATOMS: atom_id res chain seq x y z
N GLY A 34 -19.81 -21.97 35.10
CA GLY A 34 -18.88 -21.54 34.08
C GLY A 34 -17.45 -21.49 34.58
N ALA A 35 -16.54 -21.02 33.72
CA ALA A 35 -15.13 -20.98 34.08
C ALA A 35 -14.80 -19.71 34.85
N VAL A 36 -13.86 -19.83 35.79
CA VAL A 36 -13.42 -18.67 36.55
C VAL A 36 -11.95 -18.45 36.29
N LEU A 37 -11.64 -17.56 35.35
CA LEU A 37 -10.25 -17.25 35.07
C LEU A 37 -9.73 -16.28 36.12
N SER A 38 -8.72 -16.72 36.88
CA SER A 38 -8.23 -15.97 38.03
C SER A 38 -6.72 -15.80 37.89
N PHE A 39 -6.31 -14.64 37.37
CA PHE A 39 -4.89 -14.35 37.22
C PHE A 39 -4.37 -13.56 38.41
N HIS A 40 -3.15 -13.88 38.83
CA HIS A 40 -2.58 -13.32 40.05
C HIS A 40 -1.13 -12.95 39.80
N ASN A 41 -0.77 -11.69 40.13
CA ASN A 41 0.61 -11.20 40.17
C ASN A 41 1.31 -11.35 38.81
N ILE A 42 0.62 -10.92 37.75
CA ILE A 42 1.24 -10.96 36.43
C ILE A 42 2.26 -9.84 36.32
N CYS A 43 3.50 -10.22 36.05
CA CYS A 43 4.52 -9.28 35.61
C CYS A 43 4.90 -9.72 34.22
N TYR A 44 5.04 -8.77 33.29
CA TYR A 44 5.38 -9.13 31.93
C TYR A 44 6.36 -8.12 31.36
N ARG A 45 7.27 -8.58 30.51
CA ARG A 45 8.30 -7.74 29.92
C ARG A 45 8.71 -8.29 28.57
N VAL A 46 9.21 -7.41 27.69
CA VAL A 46 9.59 -7.76 26.34
C VAL A 46 11.00 -7.25 26.05
N LYS A 47 11.54 -7.73 24.93
CA LYS A 47 12.76 -7.19 24.33
C LYS A 47 12.38 -6.56 23.00
N LEU A 48 12.65 -5.27 22.85
CA LEU A 48 12.29 -4.54 21.64
C LEU A 48 13.25 -4.82 20.50
N PRO A 58 19.10 -5.11 22.07
CA PRO A 58 17.78 -5.48 22.62
C PRO A 58 17.47 -4.75 23.92
N VAL A 59 16.52 -3.81 23.87
CA VAL A 59 16.12 -3.01 25.02
C VAL A 59 14.96 -3.71 25.70
N GLU A 60 15.11 -4.00 26.99
CA GLU A 60 14.13 -4.76 27.75
C GLU A 60 13.22 -3.81 28.51
N LYS A 61 11.92 -4.06 28.46
CA LYS A 61 10.92 -3.13 28.97
C LYS A 61 9.69 -3.89 29.45
N GLU A 62 9.20 -3.53 30.64
CA GLU A 62 7.98 -4.10 31.19
C GLU A 62 6.79 -3.35 30.64
N ILE A 63 5.78 -4.07 30.17
CA ILE A 63 4.58 -3.45 29.64
C ILE A 63 3.37 -3.89 30.45
N LEU A 64 3.59 -4.75 31.45
CA LEU A 64 2.60 -5.04 32.49
C LEU A 64 3.33 -5.14 33.81
N SER A 65 2.94 -4.35 34.80
CA SER A 65 3.77 -4.24 35.99
C SER A 65 3.39 -5.22 37.09
N ASN A 66 2.21 -5.06 37.68
CA ASN A 66 1.76 -5.93 38.76
C ASN A 66 0.24 -5.95 38.74
N ILE A 67 -0.33 -6.97 38.11
CA ILE A 67 -1.75 -6.99 37.80
C ILE A 67 -2.33 -8.28 38.35
N ASN A 68 -3.40 -8.19 39.11
CA ASN A 68 -4.15 -9.36 39.55
C ASN A 68 -5.64 -9.09 39.47
N GLY A 69 -6.41 -10.12 39.19
CA GLY A 69 -7.85 -9.97 39.02
C GLY A 69 -8.52 -11.30 38.79
N ILE A 70 -9.81 -11.33 39.10
CA ILE A 70 -10.65 -12.50 38.91
C ILE A 70 -11.75 -12.15 37.93
N MET A 71 -12.07 -13.08 37.03
CA MET A 71 -13.05 -12.85 35.97
C MET A 71 -14.10 -13.94 36.04
N LYS A 72 -15.29 -13.55 36.47
CA LYS A 72 -16.40 -14.46 36.71
C LYS A 72 -17.01 -14.95 35.40
N PRO A 73 -17.82 -16.00 35.46
CA PRO A 73 -18.73 -16.27 34.35
C PRO A 73 -19.69 -15.12 34.16
N GLY A 74 -19.77 -14.63 32.93
CA GLY A 74 -20.38 -13.34 32.67
C GLY A 74 -19.55 -12.60 31.66
N LEU A 75 -19.51 -11.27 31.77
CA LEU A 75 -18.97 -10.42 30.74
C LEU A 75 -17.94 -9.47 31.35
N ASN A 76 -16.68 -9.63 30.95
CA ASN A 76 -15.55 -8.95 31.55
C ASN A 76 -14.96 -8.01 30.51
N ALA A 77 -14.77 -6.76 30.89
CA ALA A 77 -14.27 -5.76 29.96
C ALA A 77 -12.92 -5.27 30.43
N ILE A 78 -12.09 -4.83 29.48
CA ILE A 78 -10.79 -4.26 29.78
C ILE A 78 -10.69 -2.92 29.07
N LEU A 79 -10.54 -1.85 29.85
CA LEU A 79 -10.48 -0.49 29.33
C LEU A 79 -9.09 0.08 29.47
N GLY A 80 -8.79 1.13 28.72
CA GLY A 80 -7.55 1.84 28.86
C GLY A 80 -7.19 2.62 27.62
N PRO A 81 -6.02 3.24 27.63
CA PRO A 81 -5.51 3.89 26.40
C PRO A 81 -4.96 2.85 25.45
N THR A 82 -4.58 3.31 24.25
CA THR A 82 -3.96 2.45 23.25
C THR A 82 -2.62 1.95 23.74
N GLY A 83 -1.81 2.86 24.27
CA GLY A 83 -0.50 2.49 24.79
C GLY A 83 -0.53 1.74 26.11
N GLY A 84 -1.69 1.68 26.76
CA GLY A 84 -1.81 0.86 27.95
C GLY A 84 -1.81 -0.61 27.62
N GLY A 85 -1.76 -1.42 28.67
CA GLY A 85 -1.64 -2.84 28.44
C GLY A 85 -2.92 -3.61 28.25
N LYS A 86 -3.94 -3.04 27.59
CA LYS A 86 -5.22 -3.72 27.49
C LYS A 86 -5.15 -4.92 26.53
N SER A 87 -4.64 -4.70 25.31
CA SER A 87 -4.55 -5.79 24.36
C SER A 87 -3.41 -6.72 24.71
N SER A 88 -2.38 -6.20 25.39
CA SER A 88 -1.29 -7.06 25.85
C SER A 88 -1.78 -8.01 26.94
N LEU A 89 -2.58 -7.53 27.88
CA LEU A 89 -3.11 -8.42 28.91
C LEU A 89 -4.11 -9.39 28.32
N LEU A 90 -4.87 -8.95 27.32
CA LEU A 90 -5.81 -9.87 26.69
C LEU A 90 -5.08 -10.96 25.90
N ASP A 91 -3.92 -10.63 25.32
CA ASP A 91 -3.14 -11.66 24.65
C ASP A 91 -2.45 -12.56 25.66
N VAL A 92 -2.11 -12.04 26.84
CA VAL A 92 -1.49 -12.84 27.88
C VAL A 92 -2.47 -13.87 28.44
N LEU A 93 -3.72 -13.47 28.67
CA LEU A 93 -4.67 -14.40 29.28
C LEU A 93 -5.08 -15.52 28.32
N ALA A 94 -4.98 -15.29 27.02
CA ALA A 94 -5.31 -16.33 26.06
C ALA A 94 -4.07 -17.08 25.57
N ALA A 95 -2.93 -16.87 26.24
CA ALA A 95 -1.62 -17.43 25.88
C ALA A 95 -1.19 -17.06 24.47
N ARG A 96 -1.57 -15.89 23.98
CA ARG A 96 -1.13 -15.46 22.66
C ARG A 96 0.22 -14.79 22.69
N LYS A 97 0.83 -14.62 23.85
CA LYS A 97 2.19 -14.10 23.96
C LYS A 97 3.04 -15.14 24.65
N ASP A 98 4.35 -15.08 24.39
CA ASP A 98 5.25 -16.18 24.71
C ASP A 98 5.39 -16.34 26.22
N PRO A 99 5.54 -17.57 26.72
CA PRO A 99 5.67 -17.79 28.16
C PRO A 99 7.03 -17.41 28.72
N SER A 100 7.95 -16.90 27.90
CA SER A 100 9.25 -16.48 28.40
C SER A 100 9.12 -15.22 29.25
N GLY A 101 8.36 -14.23 28.76
CA GLY A 101 8.27 -12.96 29.47
C GLY A 101 7.27 -12.99 30.62
N LEU A 102 6.32 -13.92 30.57
CA LEU A 102 5.28 -14.01 31.60
C LEU A 102 5.86 -14.47 32.92
N SER A 103 5.52 -13.75 34.00
CA SER A 103 6.11 -14.01 35.31
C SER A 103 5.08 -14.19 36.41
N GLY A 104 3.89 -14.70 36.10
CA GLY A 104 2.89 -14.94 37.11
C GLY A 104 1.94 -16.03 36.67
N ASP A 105 1.24 -16.61 37.63
CA ASP A 105 0.36 -17.73 37.33
C ASP A 105 -0.98 -17.26 36.77
N VAL A 106 -1.33 -17.78 35.60
CA VAL A 106 -2.66 -17.63 35.04
C VAL A 106 -3.38 -18.94 35.26
N LEU A 107 -4.53 -18.90 35.92
CA LEU A 107 -5.12 -20.07 36.52
C LEU A 107 -6.63 -20.04 36.34
N ILE A 108 -7.16 -21.03 35.63
CA ILE A 108 -8.58 -21.11 35.35
C ILE A 108 -9.21 -22.17 36.25
N ASN A 109 -10.26 -21.76 36.99
CA ASN A 109 -11.18 -22.66 37.70
C ASN A 109 -10.47 -23.51 38.77
N GLY A 110 -9.36 -23.00 39.29
CA GLY A 110 -8.62 -23.72 40.30
C GLY A 110 -7.40 -24.46 39.82
N ALA A 111 -7.07 -24.40 38.53
CA ALA A 111 -5.97 -25.16 37.97
C ALA A 111 -5.22 -24.28 36.96
N PRO A 112 -3.93 -24.54 36.74
CA PRO A 112 -3.22 -23.81 35.68
C PRO A 112 -3.72 -24.19 34.30
N ARG A 113 -3.35 -23.39 33.32
CA ARG A 113 -3.83 -23.60 31.96
C ARG A 113 -3.20 -24.84 31.35
N PRO A 114 -3.98 -25.80 30.86
CA PRO A 114 -3.41 -26.97 30.20
C PRO A 114 -2.86 -26.62 28.83
N ALA A 115 -2.30 -27.64 28.18
CA ALA A 115 -1.72 -27.42 26.85
C ALA A 115 -2.79 -27.41 25.76
N ASN A 116 -3.99 -27.89 26.09
CA ASN A 116 -5.06 -27.98 25.11
C ASN A 116 -5.86 -26.68 25.06
N PHE A 117 -5.47 -25.70 25.89
CA PHE A 117 -6.24 -24.50 26.19
C PHE A 117 -6.51 -23.64 24.96
N LYS A 118 -5.49 -23.42 24.13
CA LYS A 118 -5.67 -22.68 22.90
C LYS A 118 -6.63 -23.37 21.94
N CYS A 119 -6.67 -24.70 21.98
CA CYS A 119 -7.62 -25.41 21.13
C CYS A 119 -9.01 -25.38 21.74
N ASN A 120 -9.14 -24.97 22.99
CA ASN A 120 -10.44 -25.04 23.66
C ASN A 120 -11.09 -23.67 23.77
N SER A 121 -10.29 -22.62 23.96
CA SER A 121 -10.81 -21.28 24.19
C SER A 121 -10.67 -20.46 22.92
N GLY A 122 -11.80 -19.94 22.42
CA GLY A 122 -11.75 -19.20 21.18
C GLY A 122 -11.19 -17.79 21.38
N TYR A 123 -10.67 -17.22 20.31
CA TYR A 123 -10.11 -15.88 20.31
C TYR A 123 -10.51 -15.21 19.01
N VAL A 124 -10.91 -13.95 19.09
CA VAL A 124 -11.46 -13.23 17.95
C VAL A 124 -10.59 -12.02 17.68
N VAL A 125 -10.01 -11.95 16.50
CA VAL A 125 -9.00 -10.95 16.20
C VAL A 125 -9.69 -9.60 15.98
N GLN A 126 -8.91 -8.52 16.08
CA GLN A 126 -9.45 -7.18 15.90
C GLN A 126 -9.93 -6.94 14.48
N ASP A 127 -9.02 -7.04 13.51
CA ASP A 127 -9.40 -7.06 12.10
C ASP A 127 -9.83 -8.48 11.76
N ASP A 128 -10.92 -8.60 11.01
CA ASP A 128 -11.50 -9.90 10.74
C ASP A 128 -10.61 -10.71 9.81
N VAL A 129 -10.43 -11.97 10.15
CA VAL A 129 -9.64 -12.89 9.36
C VAL A 129 -10.51 -13.86 8.58
N VAL A 130 -11.78 -13.50 8.34
CA VAL A 130 -12.65 -14.36 7.56
C VAL A 130 -12.22 -14.34 6.10
N MET A 131 -12.52 -15.43 5.40
CA MET A 131 -12.25 -15.50 3.98
C MET A 131 -13.28 -14.66 3.24
N GLY A 132 -12.79 -13.65 2.51
CA GLY A 132 -13.71 -12.72 1.87
C GLY A 132 -14.43 -13.34 0.69
N THR A 133 -13.81 -14.31 0.04
CA THR A 133 -14.39 -14.89 -1.17
C THR A 133 -15.30 -16.06 -0.85
N LEU A 134 -15.05 -16.74 0.26
CA LEU A 134 -15.93 -17.82 0.66
C LEU A 134 -17.19 -17.26 1.30
N THR A 135 -18.23 -18.08 1.36
CA THR A 135 -19.48 -17.65 1.97
C THR A 135 -19.47 -17.92 3.46
N VAL A 136 -20.55 -17.50 4.12
CA VAL A 136 -20.61 -17.55 5.58
C VAL A 136 -20.78 -19.00 6.06
N ARG A 137 -21.51 -19.81 5.31
CA ARG A 137 -21.63 -21.21 5.70
C ARG A 137 -20.36 -21.99 5.45
N GLU A 138 -19.58 -21.63 4.44
CA GLU A 138 -18.38 -22.42 4.14
C GLU A 138 -17.22 -22.06 5.05
N ASN A 139 -17.21 -20.85 5.60
CA ASN A 139 -16.25 -20.52 6.66
C ASN A 139 -16.50 -21.37 7.90
N LEU A 140 -17.76 -21.49 8.30
CA LEU A 140 -18.10 -22.33 9.45
C LEU A 140 -17.89 -23.80 9.13
N GLN A 141 -18.07 -24.20 7.87
CA GLN A 141 -17.77 -25.56 7.46
C GLN A 141 -16.29 -25.86 7.60
N PHE A 142 -15.44 -24.91 7.19
CA PHE A 142 -13.99 -25.01 7.33
C PHE A 142 -13.59 -25.13 8.79
N SER A 143 -14.12 -24.25 9.64
CA SER A 143 -13.75 -24.26 11.05
C SER A 143 -14.27 -25.52 11.74
N ALA A 144 -15.43 -26.03 11.32
CA ALA A 144 -15.95 -27.24 11.92
C ALA A 144 -15.19 -28.47 11.42
N ALA A 145 -14.61 -28.36 10.23
CA ALA A 145 -13.84 -29.48 9.71
C ALA A 145 -12.48 -29.59 10.39
N LEU A 146 -11.88 -28.45 10.73
CA LEU A 146 -10.53 -28.52 11.28
C LEU A 146 -10.52 -28.54 12.81
N ARG A 147 -11.42 -27.80 13.46
CA ARG A 147 -11.34 -27.74 14.91
C ARG A 147 -11.97 -28.96 15.56
N LEU A 148 -13.11 -29.42 15.05
CA LEU A 148 -13.78 -30.55 15.67
C LEU A 148 -13.09 -31.85 15.26
N ALA A 149 -13.57 -32.95 15.83
CA ALA A 149 -12.89 -34.22 15.67
C ALA A 149 -13.21 -34.85 14.31
N THR A 150 -12.47 -35.91 14.00
CA THR A 150 -12.76 -36.68 12.79
C THR A 150 -13.84 -37.71 13.04
N THR A 151 -14.18 -37.94 14.31
CA THR A 151 -15.14 -38.98 14.66
C THR A 151 -16.57 -38.55 14.30
N MET A 152 -16.85 -37.26 14.40
CA MET A 152 -18.22 -36.77 14.31
C MET A 152 -18.78 -36.89 12.89
N THR A 153 -20.09 -37.07 12.83
CA THR A 153 -20.81 -37.17 11.56
C THR A 153 -20.86 -35.79 10.90
N ASN A 154 -20.89 -35.79 9.56
CA ASN A 154 -21.13 -34.56 8.81
C ASN A 154 -22.49 -33.97 9.15
N HIS A 155 -23.47 -34.82 9.46
CA HIS A 155 -24.76 -34.33 9.92
C HIS A 155 -24.66 -33.61 11.26
N GLU A 156 -23.81 -34.14 12.16
CA GLU A 156 -23.62 -33.50 13.47
C GLU A 156 -22.95 -32.15 13.33
N LYS A 157 -21.94 -32.06 12.45
CA LYS A 157 -21.25 -30.80 12.24
C LYS A 157 -22.15 -29.79 11.53
N ASN A 158 -22.99 -30.26 10.60
CA ASN A 158 -23.91 -29.35 9.93
C ASN A 158 -24.99 -28.84 10.88
N GLU A 159 -25.45 -29.69 11.80
CA GLU A 159 -26.40 -29.23 12.80
C GLU A 159 -25.75 -28.26 13.79
N ARG A 160 -24.46 -28.47 14.09
CA ARG A 160 -23.74 -27.53 14.94
C ARG A 160 -23.59 -26.18 14.27
N ILE A 161 -23.28 -26.18 12.98
CA ILE A 161 -23.16 -24.95 12.21
C ILE A 161 -24.51 -24.25 12.12
N ASN A 162 -25.59 -25.02 11.96
CA ASN A 162 -26.92 -24.42 11.91
C ASN A 162 -27.30 -23.80 13.25
N ARG A 163 -26.90 -24.44 14.35
CA ARG A 163 -27.15 -23.89 15.68
C ARG A 163 -26.38 -22.60 15.90
N VAL A 164 -25.11 -22.59 15.50
CA VAL A 164 -24.26 -21.41 15.70
C VAL A 164 -24.74 -20.26 14.82
N ILE A 165 -25.12 -20.54 13.58
CA ILE A 165 -25.61 -19.49 12.70
C ILE A 165 -27.04 -19.08 13.07
N GLN A 166 -27.73 -19.88 13.86
CA GLN A 166 -29.00 -19.44 14.42
C GLN A 166 -28.78 -18.51 15.61
N GLU A 167 -27.75 -18.77 16.41
CA GLU A 167 -27.52 -17.95 17.59
C GLU A 167 -27.00 -16.56 17.23
N LEU A 168 -26.44 -16.41 16.03
CA LEU A 168 -25.84 -15.15 15.62
C LEU A 168 -26.81 -14.24 14.90
N GLY A 169 -27.88 -14.78 14.32
CA GLY A 169 -28.73 -13.96 13.48
C GLY A 169 -28.18 -13.76 12.08
N LEU A 170 -27.38 -14.71 11.60
CA LEU A 170 -26.88 -14.70 10.24
C LEU A 170 -27.70 -15.60 9.32
N ASP A 171 -28.94 -15.91 9.69
CA ASP A 171 -29.73 -16.86 8.91
C ASP A 171 -30.22 -16.23 7.61
N LYS A 172 -30.36 -14.91 7.59
CA LYS A 172 -30.79 -14.23 6.38
C LYS A 172 -29.68 -14.22 5.33
N VAL A 173 -28.44 -14.28 5.79
CA VAL A 173 -27.28 -14.16 4.91
C VAL A 173 -26.38 -15.39 4.99
N ALA A 174 -26.96 -16.53 5.39
CA ALA A 174 -26.29 -17.81 5.62
C ALA A 174 -25.52 -18.35 4.43
N ASP A 175 -25.89 -17.97 3.22
CA ASP A 175 -25.24 -18.48 2.02
C ASP A 175 -24.82 -17.38 1.05
N SER A 176 -24.52 -16.19 1.54
CA SER A 176 -23.97 -15.16 0.67
C SER A 176 -22.48 -14.97 0.95
N LYS A 177 -21.78 -14.40 -0.03
CA LYS A 177 -20.33 -14.27 0.09
C LYS A 177 -19.98 -13.13 1.03
N VAL A 178 -18.85 -13.29 1.72
CA VAL A 178 -18.48 -12.34 2.78
C VAL A 178 -17.96 -11.04 2.17
N GLY A 179 -17.19 -11.13 1.12
CA GLY A 179 -16.99 -9.91 0.37
C GLY A 179 -15.54 -9.49 0.30
N THR A 180 -15.15 -8.95 -0.86
CA THR A 180 -13.82 -8.44 -1.12
C THR A 180 -13.96 -7.13 -1.90
N GLN A 181 -12.86 -6.73 -2.55
CA GLN A 181 -12.89 -5.53 -3.37
C GLN A 181 -13.75 -5.70 -4.62
N PHE A 182 -13.58 -6.81 -5.34
CA PHE A 182 -14.21 -6.93 -6.65
C PHE A 182 -15.68 -7.33 -6.55
N ILE A 183 -16.03 -8.14 -5.56
CA ILE A 183 -17.41 -8.54 -5.36
C ILE A 183 -17.98 -7.82 -4.15
N ARG A 184 -19.21 -7.34 -4.26
CA ARG A 184 -19.88 -6.78 -3.10
C ARG A 184 -20.31 -7.91 -2.17
N GLY A 185 -20.31 -7.63 -0.87
CA GLY A 185 -20.61 -8.68 0.07
C GLY A 185 -21.41 -8.27 1.27
N VAL A 186 -21.27 -9.04 2.34
CA VAL A 186 -22.05 -8.82 3.54
C VAL A 186 -21.48 -7.63 4.30
N SER A 187 -22.31 -7.01 5.14
CA SER A 187 -21.92 -5.82 5.88
C SER A 187 -20.90 -6.15 6.97
N GLY A 188 -20.31 -5.08 7.54
CA GLY A 188 -19.17 -5.26 8.43
C GLY A 188 -19.54 -5.87 9.78
N GLY A 189 -20.72 -5.54 10.29
CA GLY A 189 -21.17 -6.15 11.53
C GLY A 189 -21.45 -7.63 11.37
N GLU A 190 -21.88 -8.04 10.18
CA GLU A 190 -22.16 -9.45 9.98
C GLU A 190 -20.89 -10.21 9.59
N ARG A 191 -19.88 -9.50 9.08
CA ARG A 191 -18.53 -10.06 9.03
C ARG A 191 -18.00 -10.32 10.44
N LYS A 192 -18.24 -9.38 11.36
CA LYS A 192 -17.77 -9.57 12.72
C LYS A 192 -18.54 -10.70 13.42
N ARG A 193 -19.83 -10.83 13.13
CA ARG A 193 -20.58 -11.96 13.65
C ARG A 193 -20.09 -13.28 13.06
N THR A 194 -19.65 -13.26 11.81
CA THR A 194 -19.05 -14.46 11.23
C THR A 194 -17.74 -14.81 11.91
N SER A 195 -16.94 -13.79 12.24
CA SER A 195 -15.65 -14.03 12.88
C SER A 195 -15.84 -14.56 14.30
N ILE A 196 -16.92 -14.15 14.97
CA ILE A 196 -17.26 -14.73 16.26
C ILE A 196 -17.78 -16.16 16.09
N GLY A 197 -18.54 -16.39 15.03
CA GLY A 197 -19.14 -17.69 14.84
C GLY A 197 -18.14 -18.76 14.43
N MET A 198 -17.00 -18.33 13.85
CA MET A 198 -15.95 -19.30 13.52
C MET A 198 -15.33 -19.89 14.78
N GLU A 199 -15.28 -19.11 15.86
CA GLU A 199 -14.69 -19.59 17.10
C GLU A 199 -15.75 -20.15 18.03
N LEU A 200 -17.03 -19.90 17.73
CA LEU A 200 -18.09 -20.52 18.51
C LEU A 200 -18.34 -21.99 18.16
N ILE A 201 -17.65 -22.54 17.15
CA ILE A 201 -17.98 -23.89 16.68
C ILE A 201 -17.54 -24.93 17.69
N THR A 202 -16.36 -24.78 18.25
CA THR A 202 -15.82 -25.76 19.19
C THR A 202 -16.44 -25.67 20.58
N ASP A 203 -17.46 -24.81 20.76
CA ASP A 203 -18.11 -24.53 22.03
C ASP A 203 -17.11 -24.16 23.13
N PRO A 204 -16.55 -22.95 23.08
CA PRO A 204 -15.49 -22.59 24.03
C PRO A 204 -16.08 -22.28 25.40
N SER A 205 -15.37 -22.69 26.44
CA SER A 205 -15.76 -22.31 27.78
C SER A 205 -15.44 -20.84 28.04
N ILE A 206 -14.27 -20.39 27.59
CA ILE A 206 -13.83 -19.00 27.72
C ILE A 206 -13.74 -18.43 26.31
N LEU A 207 -14.29 -17.25 26.11
CA LEU A 207 -14.28 -16.61 24.79
C LEU A 207 -13.65 -15.24 24.90
N PHE A 208 -12.50 -15.07 24.26
CA PHE A 208 -11.78 -13.81 24.27
C PHE A 208 -12.17 -13.00 23.05
N LEU A 209 -12.02 -11.68 23.12
CA LEU A 209 -12.37 -10.80 22.02
C LEU A 209 -11.48 -9.56 22.04
N ASP A 210 -10.61 -9.43 21.06
CA ASP A 210 -9.78 -8.25 20.88
C ASP A 210 -10.58 -7.24 20.08
N GLU A 211 -11.00 -6.16 20.72
CA GLU A 211 -11.63 -4.97 20.13
C GLU A 211 -12.87 -5.26 19.29
N PRO A 212 -13.98 -5.72 19.87
CA PRO A 212 -15.14 -6.04 19.02
C PRO A 212 -15.92 -4.81 18.57
N THR A 213 -15.59 -3.63 19.08
CA THR A 213 -16.37 -2.45 18.74
C THR A 213 -15.72 -1.67 17.59
N THR A 214 -14.39 -1.60 17.58
CA THR A 214 -13.72 -0.63 16.71
C THR A 214 -13.77 -1.07 15.26
N GLY A 215 -13.62 -0.10 14.36
CA GLY A 215 -13.84 -0.32 12.95
C GLY A 215 -15.30 -0.32 12.53
N LEU A 216 -16.22 -0.14 13.46
CA LEU A 216 -17.64 -0.24 13.20
C LEU A 216 -18.33 1.08 13.51
N ASP A 217 -19.57 1.21 13.03
CA ASP A 217 -20.41 2.34 13.40
C ASP A 217 -21.12 2.06 14.71
N SER A 218 -21.94 3.01 15.15
CA SER A 218 -22.42 3.00 16.53
C SER A 218 -23.49 1.94 16.74
N SER A 219 -24.55 1.95 15.93
CA SER A 219 -25.65 1.00 16.11
C SER A 219 -25.20 -0.42 15.81
N THR A 220 -24.24 -0.56 14.89
CA THR A 220 -23.59 -1.84 14.64
C THR A 220 -22.88 -2.36 15.88
N ALA A 221 -22.13 -1.49 16.56
CA ALA A 221 -21.41 -1.88 17.77
C ALA A 221 -22.38 -2.24 18.89
N ASN A 222 -23.48 -1.50 19.01
CA ASN A 222 -24.49 -1.83 20.01
C ASN A 222 -25.15 -3.16 19.72
N ALA A 223 -25.37 -3.47 18.45
CA ALA A 223 -25.96 -4.76 18.09
C ALA A 223 -25.02 -5.92 18.41
N VAL A 224 -23.72 -5.75 18.11
CA VAL A 224 -22.73 -6.77 18.42
C VAL A 224 -22.63 -7.00 19.93
N LEU A 225 -22.68 -5.92 20.72
CA LEU A 225 -22.54 -6.08 22.16
C LEU A 225 -23.80 -6.64 22.80
N LEU A 226 -24.98 -6.35 22.23
CA LEU A 226 -26.19 -7.00 22.73
C LEU A 226 -26.17 -8.49 22.40
N LEU A 227 -25.61 -8.85 21.25
CA LEU A 227 -25.38 -10.27 20.94
C LEU A 227 -24.44 -10.91 21.94
N LEU A 228 -23.40 -10.18 22.34
CA LEU A 228 -22.46 -10.71 23.33
C LEU A 228 -23.11 -10.89 24.69
N LYS A 229 -24.01 -9.97 25.06
CA LYS A 229 -24.72 -10.11 26.33
C LYS A 229 -25.67 -11.30 26.30
N ARG A 230 -26.32 -11.53 25.15
CA ARG A 230 -27.18 -12.70 25.00
C ARG A 230 -26.37 -13.99 25.04
N MET A 231 -25.12 -13.95 24.58
CA MET A 231 -24.25 -15.10 24.74
C MET A 231 -23.86 -15.29 26.20
N SER A 232 -23.58 -14.20 26.91
CA SER A 232 -23.03 -14.30 28.25
C SER A 232 -24.09 -14.69 29.27
N LYS A 233 -25.37 -14.48 28.94
CA LYS A 233 -26.43 -14.92 29.84
C LYS A 233 -26.54 -16.44 29.90
N GLN A 234 -26.05 -17.14 28.88
CA GLN A 234 -26.05 -18.60 28.88
C GLN A 234 -25.10 -19.19 29.91
N GLY A 235 -23.99 -18.51 30.22
CA GLY A 235 -22.99 -19.05 31.11
C GLY A 235 -21.60 -19.04 30.53
N ARG A 236 -21.43 -18.52 29.33
CA ARG A 236 -20.13 -18.45 28.69
C ARG A 236 -19.37 -17.21 29.15
N THR A 237 -18.10 -17.39 29.47
CA THR A 237 -17.32 -16.33 30.09
C THR A 237 -16.64 -15.53 28.98
N ILE A 238 -17.14 -14.33 28.72
CA ILE A 238 -16.63 -13.49 27.66
C ILE A 238 -15.65 -12.50 28.26
N ILE A 239 -14.47 -12.41 27.68
CA ILE A 239 -13.44 -11.47 28.11
C ILE A 239 -13.07 -10.63 26.91
N PHE A 240 -13.18 -9.32 27.02
CA PHE A 240 -12.87 -8.54 25.83
C PHE A 240 -12.22 -7.22 26.18
N SER A 241 -11.41 -6.73 25.26
CA SER A 241 -10.85 -5.40 25.38
C SER A 241 -11.59 -4.49 24.41
N ILE A 242 -11.75 -3.23 24.77
CA ILE A 242 -12.40 -2.25 23.90
C ILE A 242 -11.67 -0.92 23.97
N HIS A 243 -12.23 0.07 23.30
CA HIS A 243 -11.59 1.36 23.11
C HIS A 243 -12.66 2.43 23.09
N GLN A 244 -12.67 3.28 24.12
CA GLN A 244 -13.60 4.39 24.35
C GLN A 244 -15.10 4.09 24.07
N PRO A 245 -15.75 3.32 24.94
CA PRO A 245 -17.12 2.92 24.66
C PRO A 245 -18.14 4.00 24.98
N ARG A 246 -19.39 3.74 24.60
CA ARG A 246 -20.51 4.58 24.96
C ARG A 246 -21.11 4.11 26.29
N TYR A 247 -21.98 4.92 26.86
CA TYR A 247 -22.60 4.51 28.13
C TYR A 247 -23.64 3.44 27.90
N SER A 248 -24.27 3.42 26.72
CA SER A 248 -25.18 2.33 26.37
C SER A 248 -24.42 1.02 26.24
N ILE A 249 -23.14 1.09 25.87
CA ILE A 249 -22.25 -0.06 25.99
C ILE A 249 -21.92 -0.32 27.45
N PHE A 250 -21.54 0.73 28.18
CA PHE A 250 -20.90 0.57 29.49
C PHE A 250 -21.89 0.06 30.55
N LYS A 251 -23.18 0.23 30.31
CA LYS A 251 -24.16 -0.25 31.29
C LYS A 251 -24.29 -1.77 31.26
N LEU A 252 -23.76 -2.41 30.22
CA LEU A 252 -23.98 -3.85 30.05
C LEU A 252 -22.93 -4.69 30.76
N PHE A 253 -21.88 -4.06 31.28
CA PHE A 253 -20.71 -4.83 31.71
C PHE A 253 -20.96 -5.51 33.05
N ASP A 254 -20.40 -6.70 33.21
CA ASP A 254 -20.49 -7.37 34.50
C ASP A 254 -19.25 -7.11 35.35
N SER A 255 -18.08 -7.11 34.75
CA SER A 255 -16.85 -6.80 35.48
C SER A 255 -15.95 -5.94 34.63
N LEU A 256 -15.15 -5.10 35.29
CA LEU A 256 -14.35 -4.09 34.62
C LEU A 256 -12.90 -4.26 35.05
N THR A 257 -11.97 -3.98 34.14
CA THR A 257 -10.56 -3.95 34.45
C THR A 257 -9.91 -2.82 33.67
N LEU A 258 -9.51 -1.77 34.37
CA LEU A 258 -8.92 -0.60 33.76
C LEU A 258 -7.41 -0.73 33.83
N LEU A 259 -6.72 -0.40 32.74
CA LEU A 259 -5.26 -0.49 32.69
C LEU A 259 -4.71 0.81 32.15
N ALA A 260 -3.51 1.17 32.60
CA ALA A 260 -2.85 2.37 32.12
C ALA A 260 -1.35 2.24 32.29
N SER A 261 -0.62 2.36 31.18
CA SER A 261 0.85 2.36 31.13
C SER A 261 1.44 1.10 31.76
N GLY A 262 0.72 0.00 31.65
CA GLY A 262 1.17 -1.26 32.22
C GLY A 262 0.79 -1.49 33.65
N ARG A 263 -0.03 -0.64 34.25
CA ARG A 263 -0.39 -0.81 35.64
C ARG A 263 -1.90 -0.87 35.78
N LEU A 264 -2.35 -1.70 36.72
CA LEU A 264 -3.77 -1.89 36.99
C LEU A 264 -4.31 -0.65 37.68
N MET A 265 -5.44 -0.14 37.19
CA MET A 265 -6.02 1.05 37.78
C MET A 265 -7.27 0.72 38.58
N PHE A 266 -8.07 -0.21 38.08
CA PHE A 266 -9.27 -0.65 38.78
C PHE A 266 -9.55 -2.09 38.41
N HIS A 267 -10.11 -2.84 39.34
CA HIS A 267 -10.76 -4.11 39.02
C HIS A 267 -11.87 -4.37 40.03
N GLY A 268 -13.08 -4.51 39.53
CA GLY A 268 -14.24 -4.79 40.34
C GLY A 268 -15.44 -4.85 39.45
N PRO A 269 -16.64 -4.88 40.03
CA PRO A 269 -17.85 -4.75 39.21
C PRO A 269 -17.92 -3.37 38.57
N ALA A 270 -18.54 -3.31 37.39
CA ALA A 270 -18.44 -2.12 36.57
C ALA A 270 -19.32 -0.99 37.10
N GLN A 271 -20.41 -1.34 37.77
CA GLN A 271 -21.24 -0.32 38.40
C GLN A 271 -20.52 0.34 39.56
N GLU A 272 -19.62 -0.39 40.21
CA GLU A 272 -18.98 0.12 41.42
C GLU A 272 -17.86 1.09 41.10
N ALA A 273 -17.46 1.18 39.83
CA ALA A 273 -16.21 1.85 39.47
C ALA A 273 -16.34 3.36 39.59
N LEU A 274 -17.45 3.92 39.14
CA LEU A 274 -17.69 5.35 39.29
C LEU A 274 -17.86 5.77 40.74
N GLY A 275 -18.51 4.95 41.57
CA GLY A 275 -18.58 5.24 42.99
C GLY A 275 -17.22 5.16 43.66
N TYR A 276 -16.37 4.23 43.19
CA TYR A 276 -15.01 4.14 43.72
C TYR A 276 -14.19 5.36 43.36
N PHE A 277 -14.36 5.87 42.14
CA PHE A 277 -13.59 7.05 41.77
C PHE A 277 -14.19 8.34 42.35
N GLU A 278 -15.46 8.33 42.74
CA GLU A 278 -15.98 9.41 43.57
C GLU A 278 -15.37 9.36 44.96
N SER A 279 -15.19 8.14 45.50
CA SER A 279 -14.56 8.00 46.80
C SER A 279 -13.07 8.31 46.74
N ALA A 280 -12.46 8.22 45.56
CA ALA A 280 -11.06 8.57 45.43
C ALA A 280 -10.86 10.08 45.49
N GLY A 281 -11.88 10.84 45.13
CA GLY A 281 -11.82 12.29 45.18
C GLY A 281 -11.92 12.98 43.83
N TYR A 282 -12.30 12.28 42.76
CA TYR A 282 -12.42 12.88 41.44
C TYR A 282 -13.90 13.11 41.14
N HIS A 283 -14.28 14.37 40.97
CA HIS A 283 -15.67 14.70 40.76
C HIS A 283 -16.08 14.42 39.32
N CYS A 284 -17.19 13.69 39.17
CA CYS A 284 -17.76 13.43 37.86
C CYS A 284 -18.79 14.50 37.56
N GLU A 285 -18.75 15.05 36.35
CA GLU A 285 -19.72 16.07 35.98
C GLU A 285 -20.93 15.40 35.35
N ALA A 286 -22.03 16.15 35.31
CA ALA A 286 -23.25 15.65 34.71
C ALA A 286 -23.12 15.59 33.19
N TYR A 287 -23.90 14.69 32.59
CA TYR A 287 -23.93 14.43 31.14
C TYR A 287 -22.54 14.06 30.61
N ASN A 288 -21.86 13.16 31.29
CA ASN A 288 -20.53 12.72 30.90
C ASN A 288 -20.47 11.21 30.92
N ASN A 289 -19.85 10.63 29.90
CA ASN A 289 -19.71 9.19 29.81
C ASN A 289 -18.71 8.72 30.87
N PRO A 290 -19.09 7.75 31.72
CA PRO A 290 -18.17 7.31 32.78
C PRO A 290 -16.88 6.67 32.27
N ALA A 291 -16.92 5.98 31.13
CA ALA A 291 -15.68 5.43 30.58
C ALA A 291 -14.77 6.53 30.07
N ASP A 292 -15.35 7.57 29.47
CA ASP A 292 -14.58 8.75 29.09
C ASP A 292 -14.05 9.48 30.32
N PHE A 293 -14.80 9.42 31.43
CA PHE A 293 -14.31 9.96 32.68
C PHE A 293 -13.14 9.15 33.21
N PHE A 294 -13.17 7.83 32.99
CA PHE A 294 -12.10 6.96 33.44
C PHE A 294 -10.83 7.24 32.68
N LEU A 295 -10.95 7.44 31.35
CA LEU A 295 -9.78 7.82 30.57
C LEU A 295 -9.33 9.24 30.86
N ASP A 296 -10.25 10.12 31.27
CA ASP A 296 -9.89 11.50 31.57
C ASP A 296 -9.15 11.59 32.90
N ILE A 297 -9.40 10.65 33.81
CA ILE A 297 -8.58 10.53 35.01
C ILE A 297 -7.14 10.18 34.63
N ILE A 298 -6.99 9.27 33.67
CA ILE A 298 -5.65 8.82 33.25
C ILE A 298 -4.91 9.93 32.55
N ASN A 299 -5.60 10.66 31.66
CA ASN A 299 -4.91 11.63 30.81
C ASN A 299 -4.50 12.88 31.58
N GLY A 300 -5.11 13.10 32.74
CA GLY A 300 -4.77 14.24 33.57
C GLY A 300 -5.57 15.49 33.30
N ASP A 301 -6.88 15.36 33.10
CA ASP A 301 -7.82 16.46 32.80
C ASP A 301 -7.40 17.29 31.59
N LEU A 328 1.74 10.62 38.09
CA LEU A 328 0.31 10.51 38.30
C LEU A 328 -0.13 9.05 38.40
N ILE A 329 0.38 8.23 37.48
CA ILE A 329 -0.06 6.84 37.39
C ILE A 329 0.51 6.04 38.56
N GLU A 330 1.74 6.35 38.98
CA GLU A 330 2.26 5.76 40.20
C GLU A 330 1.53 6.28 41.44
N LYS A 331 0.98 7.50 41.37
CA LYS A 331 0.16 8.01 42.46
C LYS A 331 -1.20 7.34 42.48
N LEU A 332 -1.80 7.15 41.30
CA LEU A 332 -3.14 6.61 41.22
C LEU A 332 -3.21 5.09 41.32
N ALA A 333 -2.10 4.39 41.07
CA ALA A 333 -2.12 2.94 41.21
C ALA A 333 -2.10 2.53 42.67
N GLU A 334 -1.40 3.30 43.51
CA GLU A 334 -1.33 3.02 44.94
C GLU A 334 -2.64 3.28 45.64
N ILE A 335 -3.50 4.13 45.07
CA ILE A 335 -4.82 4.36 45.64
C ILE A 335 -5.67 3.09 45.49
N TYR A 336 -5.46 2.34 44.42
CA TYR A 336 -6.18 1.07 44.28
C TYR A 336 -5.63 0.01 45.24
N VAL A 337 -4.37 0.14 45.64
CA VAL A 337 -3.81 -0.79 46.62
C VAL A 337 -4.49 -0.61 47.98
N ASN A 338 -4.95 0.61 48.28
CA ASN A 338 -5.65 0.88 49.53
C ASN A 338 -7.16 0.81 49.39
N SER A 339 -7.67 -0.09 48.54
CA SER A 339 -9.11 -0.19 48.31
C SER A 339 -9.73 -1.30 49.13
N SER A 340 -11.05 -1.37 49.06
CA SER A 340 -11.82 -2.51 49.53
C SER A 340 -12.02 -3.56 48.45
N PHE A 341 -11.83 -3.17 47.19
CA PHE A 341 -11.96 -4.08 46.05
C PHE A 341 -10.68 -4.86 45.79
N TYR A 342 -9.59 -4.47 46.43
CA TYR A 342 -8.27 -5.06 46.26
C TYR A 342 -8.00 -6.11 47.32
N LYS A 343 -8.34 -5.81 48.57
CA LYS A 343 -8.22 -6.79 49.64
C LYS A 343 -9.18 -7.95 49.44
N GLU A 344 -10.38 -7.67 48.93
CA GLU A 344 -11.32 -8.74 48.61
C GLU A 344 -10.81 -9.60 47.47
N THR A 345 -10.15 -8.98 46.49
CA THR A 345 -9.60 -9.70 45.36
C THR A 345 -8.45 -10.60 45.79
N LYS A 346 -7.58 -10.10 46.68
CA LYS A 346 -6.54 -10.97 47.22
C LYS A 346 -7.10 -12.06 48.12
N ALA A 347 -8.17 -11.75 48.86
CA ALA A 347 -8.82 -12.75 49.70
C ALA A 347 -9.48 -13.85 48.90
N GLU A 348 -9.91 -13.56 47.68
CA GLU A 348 -10.39 -14.58 46.77
C GLU A 348 -9.26 -15.31 46.06
N LEU A 349 -8.19 -14.61 45.68
CA LEU A 349 -7.11 -15.23 44.92
C LEU A 349 -6.26 -16.17 45.78
N HIS A 350 -5.94 -15.77 47.01
CA HIS A 350 -5.20 -16.66 47.88
C HIS A 350 -6.03 -17.82 48.40
N GLN A 351 -7.36 -17.74 48.28
CA GLN A 351 -8.20 -18.90 48.54
C GLN A 351 -8.05 -19.94 47.42
N LEU A 352 -8.06 -19.50 46.16
CA LEU A 352 -7.97 -20.41 45.03
C LEU A 352 -6.57 -20.96 44.82
N SER A 353 -5.54 -20.14 45.02
CA SER A 353 -4.17 -20.59 44.81
C SER A 353 -3.72 -21.51 45.94
N GLY A 354 -3.73 -21.01 47.17
CA GLY A 354 -3.31 -21.80 48.31
C GLY A 354 -4.41 -22.68 48.87
N TYR A 369 -2.21 -33.94 15.60
CA TYR A 369 -3.05 -33.11 16.44
C TYR A 369 -4.39 -33.77 16.68
N THR A 370 -5.45 -32.96 16.64
CA THR A 370 -6.80 -33.50 16.68
C THR A 370 -7.11 -34.30 15.42
N THR A 371 -6.78 -33.76 14.25
CA THR A 371 -7.09 -34.37 12.97
C THR A 371 -5.80 -34.89 12.32
N SER A 372 -5.98 -35.71 11.29
CA SER A 372 -4.83 -36.29 10.61
C SER A 372 -4.18 -35.28 9.67
N PHE A 373 -3.10 -35.71 9.02
CA PHE A 373 -2.38 -34.81 8.13
C PHE A 373 -3.12 -34.60 6.81
N CYS A 374 -3.56 -35.69 6.19
CA CYS A 374 -4.23 -35.61 4.90
C CYS A 374 -5.55 -34.86 4.99
N HIS A 375 -6.20 -34.92 6.17
CA HIS A 375 -7.41 -34.16 6.41
C HIS A 375 -7.13 -32.65 6.38
N GLN A 376 -6.07 -32.23 7.07
CA GLN A 376 -5.70 -30.81 7.09
C GLN A 376 -5.25 -30.35 5.71
N LEU A 377 -4.51 -31.19 4.99
CA LEU A 377 -4.06 -30.82 3.65
C LEU A 377 -5.23 -30.71 2.70
N ARG A 378 -6.22 -31.60 2.83
CA ARG A 378 -7.39 -31.57 1.96
C ARG A 378 -8.22 -30.33 2.21
N TRP A 379 -8.46 -29.98 3.48
CA TRP A 379 -9.31 -28.82 3.73
C TRP A 379 -8.60 -27.50 3.45
N VAL A 380 -7.31 -27.41 3.72
CA VAL A 380 -6.58 -26.18 3.42
C VAL A 380 -6.47 -25.99 1.91
N SER A 381 -6.19 -27.06 1.16
CA SER A 381 -6.11 -26.96 -0.28
C SER A 381 -7.46 -26.67 -0.90
N LYS A 382 -8.54 -27.21 -0.32
CA LYS A 382 -9.88 -26.92 -0.80
C LYS A 382 -10.27 -25.47 -0.58
N ARG A 383 -9.97 -24.93 0.61
CA ARG A 383 -10.27 -23.53 0.88
C ARG A 383 -9.46 -22.61 -0.02
N SER A 384 -8.18 -22.92 -0.24
CA SER A 384 -7.37 -22.04 -1.06
C SER A 384 -7.75 -22.11 -2.53
N PHE A 385 -8.20 -23.28 -3.00
CA PHE A 385 -8.65 -23.37 -4.39
C PHE A 385 -9.98 -22.67 -4.57
N LYS A 386 -10.85 -22.72 -3.56
CA LYS A 386 -12.12 -22.00 -3.65
C LYS A 386 -11.88 -20.49 -3.56
N ASN A 387 -10.83 -20.09 -2.86
CA ASN A 387 -10.41 -18.68 -2.89
C ASN A 387 -9.85 -18.32 -4.25
N LEU A 388 -9.19 -19.26 -4.92
CA LEU A 388 -8.63 -18.97 -6.24
C LEU A 388 -9.72 -18.83 -7.29
N LEU A 389 -10.79 -19.62 -7.18
CA LEU A 389 -11.93 -19.44 -8.07
C LEU A 389 -12.72 -18.19 -7.72
N GLY A 390 -12.93 -17.93 -6.43
CA GLY A 390 -13.78 -16.82 -6.03
C GLY A 390 -13.10 -15.47 -6.16
N ASN A 391 -11.78 -15.46 -6.35
CA ASN A 391 -11.06 -14.26 -6.72
C ASN A 391 -10.76 -14.35 -8.21
N PRO A 392 -11.61 -13.79 -9.06
CA PRO A 392 -11.45 -14.07 -10.50
C PRO A 392 -10.38 -13.22 -11.16
N GLN A 393 -10.06 -12.05 -10.61
CA GLN A 393 -9.29 -11.07 -11.37
C GLN A 393 -7.82 -11.46 -11.48
N ALA A 394 -7.18 -11.74 -10.36
CA ALA A 394 -5.74 -11.99 -10.39
C ALA A 394 -5.42 -13.40 -10.89
N SER A 395 -6.44 -14.23 -11.09
CA SER A 395 -6.22 -15.54 -11.67
C SER A 395 -6.55 -15.56 -13.16
N ILE A 396 -7.63 -14.89 -13.57
CA ILE A 396 -8.02 -14.89 -14.98
C ILE A 396 -7.16 -13.91 -15.76
N ALA A 397 -6.75 -12.80 -15.14
CA ALA A 397 -6.03 -11.76 -15.85
C ALA A 397 -4.62 -12.22 -16.23
N GLN A 398 -4.05 -13.13 -15.44
CA GLN A 398 -2.74 -13.68 -15.80
C GLN A 398 -2.85 -14.56 -17.04
N ILE A 399 -3.93 -15.33 -17.15
CA ILE A 399 -4.14 -16.16 -18.33
C ILE A 399 -4.43 -15.29 -19.55
N ILE A 400 -5.16 -14.19 -19.36
CA ILE A 400 -5.46 -13.29 -20.47
C ILE A 400 -4.19 -12.60 -20.97
N VAL A 401 -3.34 -12.14 -20.04
CA VAL A 401 -2.08 -11.52 -20.42
C VAL A 401 -1.12 -12.53 -21.04
N THR A 402 -1.18 -13.78 -20.59
CA THR A 402 -0.37 -14.83 -21.21
C THR A 402 -0.82 -15.13 -22.63
N VAL A 403 -2.13 -15.19 -22.88
CA VAL A 403 -2.64 -15.42 -24.22
C VAL A 403 -2.30 -14.27 -25.15
N VAL A 404 -2.47 -13.02 -24.67
CA VAL A 404 -2.21 -11.85 -25.50
C VAL A 404 -0.72 -11.72 -25.82
N LEU A 405 0.13 -11.97 -24.83
CA LEU A 405 1.57 -11.88 -25.08
C LEU A 405 2.07 -13.04 -25.91
N GLY A 406 1.45 -14.21 -25.82
CA GLY A 406 1.79 -15.30 -26.71
C GLY A 406 1.40 -15.01 -28.15
N LEU A 407 0.26 -14.36 -28.35
CA LEU A 407 -0.12 -13.96 -29.70
C LEU A 407 0.78 -12.87 -30.25
N VAL A 408 1.24 -11.95 -29.38
CA VAL A 408 2.13 -10.89 -29.84
C VAL A 408 3.50 -11.46 -30.24
N ILE A 409 4.03 -12.39 -29.44
CA ILE A 409 5.30 -13.01 -29.79
C ILE A 409 5.16 -13.95 -30.98
N GLY A 410 3.96 -14.50 -31.20
CA GLY A 410 3.74 -15.25 -32.42
C GLY A 410 3.58 -14.34 -33.63
N ALA A 411 3.21 -13.09 -33.41
CA ALA A 411 3.04 -12.17 -34.53
C ALA A 411 4.34 -11.50 -34.92
N ILE A 412 5.21 -11.23 -33.95
CA ILE A 412 6.47 -10.55 -34.24
C ILE A 412 7.47 -11.51 -34.86
N TYR A 413 7.66 -12.67 -34.25
CA TYR A 413 8.66 -13.63 -34.67
C TYR A 413 8.12 -14.64 -35.65
N PHE A 414 7.13 -14.26 -36.46
CA PHE A 414 6.40 -15.23 -37.26
C PHE A 414 7.27 -15.78 -38.38
N GLY A 415 7.34 -17.11 -38.46
CA GLY A 415 8.07 -17.77 -39.52
C GLY A 415 9.57 -17.55 -39.45
N LEU A 416 10.23 -18.16 -38.46
CA LEU A 416 11.66 -17.96 -38.27
C LEU A 416 12.44 -18.59 -39.41
N LYS A 417 13.19 -17.77 -40.13
CA LYS A 417 13.93 -18.23 -41.30
C LYS A 417 15.26 -18.84 -40.88
N ASN A 418 15.96 -19.41 -41.85
CA ASN A 418 17.29 -19.98 -41.64
C ASN A 418 18.25 -19.16 -42.50
N ASP A 419 18.71 -18.04 -41.95
CA ASP A 419 19.66 -17.17 -42.60
C ASP A 419 20.48 -16.49 -41.50
N SER A 420 21.08 -15.35 -41.83
CA SER A 420 21.92 -14.65 -40.86
C SER A 420 21.09 -14.04 -39.74
N THR A 421 19.79 -13.89 -39.94
CA THR A 421 18.94 -13.35 -38.88
C THR A 421 18.36 -14.47 -38.02
N GLY A 422 18.59 -15.72 -38.41
CA GLY A 422 17.98 -16.84 -37.70
C GLY A 422 18.54 -17.03 -36.31
N ILE A 423 19.85 -16.85 -36.14
CA ILE A 423 20.49 -16.92 -34.83
C ILE A 423 19.94 -15.85 -33.90
N GLN A 424 19.86 -14.62 -34.40
CA GLN A 424 19.40 -13.51 -33.56
C GLN A 424 17.95 -13.65 -33.18
N ASN A 425 17.09 -14.07 -34.12
CA ASN A 425 15.68 -14.21 -33.79
C ASN A 425 15.43 -15.37 -32.83
N ARG A 426 16.11 -16.50 -33.03
CA ARG A 426 15.86 -17.65 -32.15
C ARG A 426 16.40 -17.40 -30.75
N ALA A 427 17.62 -16.87 -30.64
CA ALA A 427 18.15 -16.56 -29.32
C ALA A 427 17.35 -15.47 -28.63
N GLY A 428 16.82 -14.50 -29.39
CA GLY A 428 16.02 -13.46 -28.79
C GLY A 428 14.69 -13.96 -28.27
N VAL A 429 14.01 -14.84 -29.02
CA VAL A 429 12.70 -15.27 -28.55
C VAL A 429 12.83 -16.25 -27.39
N LEU A 430 13.91 -17.04 -27.36
CA LEU A 430 14.08 -17.95 -26.23
C LEU A 430 14.46 -17.19 -24.97
N PHE A 431 15.24 -16.11 -25.12
CA PHE A 431 15.55 -15.26 -23.98
C PHE A 431 14.32 -14.54 -23.47
N PHE A 432 13.46 -14.08 -24.38
CA PHE A 432 12.24 -13.42 -23.96
C PHE A 432 11.32 -14.36 -23.21
N LEU A 433 11.20 -15.61 -23.67
CA LEU A 433 10.31 -16.56 -23.00
C LEU A 433 10.80 -16.92 -21.61
N THR A 434 12.10 -17.17 -21.44
CA THR A 434 12.57 -17.54 -20.10
C THR A 434 12.53 -16.38 -19.12
N THR A 435 12.94 -15.19 -19.55
CA THR A 435 12.92 -14.08 -18.60
C THR A 435 11.49 -13.58 -18.36
N ASN A 436 10.59 -13.88 -19.28
CA ASN A 436 9.17 -13.66 -19.04
C ASN A 436 8.64 -14.59 -17.97
N GLN A 437 9.03 -15.87 -18.01
CA GLN A 437 8.62 -16.80 -16.95
C GLN A 437 9.14 -16.35 -15.59
N CYS A 438 10.40 -15.90 -15.55
CA CYS A 438 10.99 -15.45 -14.29
C CYS A 438 10.27 -14.21 -13.74
N PHE A 439 10.04 -13.21 -14.58
CA PHE A 439 9.42 -11.99 -14.06
C PHE A 439 7.93 -12.15 -13.83
N SER A 440 7.26 -13.06 -14.52
CA SER A 440 5.86 -13.26 -14.22
C SER A 440 5.68 -14.09 -12.97
N SER A 441 6.74 -14.76 -12.52
CA SER A 441 6.66 -15.44 -11.23
C SER A 441 7.00 -14.53 -10.04
N VAL A 442 6.86 -13.21 -10.18
CA VAL A 442 7.01 -12.32 -9.03
C VAL A 442 5.68 -12.18 -8.31
N SER A 443 4.58 -12.48 -9.01
CA SER A 443 3.25 -12.36 -8.40
C SER A 443 2.93 -13.50 -7.44
N ALA A 444 3.90 -14.37 -7.14
CA ALA A 444 3.72 -15.33 -6.06
C ALA A 444 4.38 -14.89 -4.77
N VAL A 445 4.89 -13.67 -4.73
CA VAL A 445 5.25 -13.05 -3.45
C VAL A 445 4.02 -12.86 -2.60
N GLU A 446 2.92 -12.46 -3.23
CA GLU A 446 1.60 -12.20 -2.66
C GLU A 446 1.03 -13.34 -1.82
N LEU A 447 1.46 -14.57 -2.13
CA LEU A 447 0.80 -15.78 -1.64
C LEU A 447 0.91 -15.92 -0.12
N PHE A 448 2.13 -16.01 0.40
CA PHE A 448 2.31 -16.17 1.83
C PHE A 448 2.32 -14.85 2.60
N VAL A 449 2.08 -13.73 1.92
CA VAL A 449 2.12 -12.44 2.60
C VAL A 449 0.72 -11.92 2.86
N VAL A 450 -0.21 -12.14 1.93
CA VAL A 450 -1.59 -11.72 2.13
C VAL A 450 -2.25 -12.56 3.22
N GLU A 451 -1.95 -13.85 3.25
CA GLU A 451 -2.54 -14.77 4.20
C GLU A 451 -1.71 -14.93 5.46
N LYS A 452 -0.99 -13.90 5.89
CA LYS A 452 -0.02 -14.08 6.96
C LYS A 452 -0.68 -14.06 8.32
N LYS A 453 -1.55 -13.09 8.56
CA LYS A 453 -2.21 -12.99 9.86
C LYS A 453 -3.23 -14.11 10.05
N LEU A 454 -3.84 -14.54 8.95
CA LEU A 454 -4.73 -15.70 9.01
C LEU A 454 -3.94 -16.97 9.32
N PHE A 455 -2.73 -17.10 8.77
CA PHE A 455 -1.88 -18.24 9.10
C PHE A 455 -1.48 -18.25 10.56
N ILE A 456 -1.10 -17.09 11.09
CA ILE A 456 -0.68 -17.04 12.49
C ILE A 456 -1.83 -17.35 13.42
N HIS A 457 -3.00 -16.76 13.16
CA HIS A 457 -4.16 -16.99 14.00
C HIS A 457 -4.64 -18.44 13.93
N GLU A 458 -4.63 -19.02 12.75
CA GLU A 458 -5.11 -20.38 12.65
C GLU A 458 -4.08 -21.40 13.07
N TYR A 459 -2.80 -21.04 13.11
CA TYR A 459 -1.82 -21.97 13.66
C TYR A 459 -1.85 -21.96 15.17
N ILE A 460 -2.00 -20.78 15.78
CA ILE A 460 -2.08 -20.74 17.23
C ILE A 460 -3.38 -21.37 17.72
N SER A 461 -4.49 -21.10 17.03
CA SER A 461 -5.75 -21.72 17.42
C SER A 461 -5.79 -23.20 17.09
N GLY A 462 -4.84 -23.68 16.29
CA GLY A 462 -4.64 -25.10 16.16
C GLY A 462 -5.47 -25.78 15.10
N TYR A 463 -5.63 -25.17 13.93
CA TYR A 463 -6.37 -25.86 12.89
C TYR A 463 -5.47 -26.87 12.20
N TYR A 464 -4.23 -26.48 11.96
CA TYR A 464 -3.33 -27.26 11.12
C TYR A 464 -1.88 -27.08 11.56
N ARG A 465 -1.04 -28.02 11.14
CA ARG A 465 0.39 -27.88 11.28
C ARG A 465 0.92 -26.86 10.26
N VAL A 466 2.21 -26.58 10.32
CA VAL A 466 2.79 -25.71 9.29
C VAL A 466 3.00 -26.50 8.01
N SER A 467 3.28 -27.80 8.13
CA SER A 467 3.54 -28.63 6.97
C SER A 467 2.30 -28.77 6.09
N SER A 468 1.13 -28.98 6.70
CA SER A 468 -0.08 -29.13 5.93
C SER A 468 -0.55 -27.83 5.31
N TYR A 469 -0.41 -26.70 6.01
CA TYR A 469 -0.67 -25.40 5.40
C TYR A 469 0.21 -25.15 4.21
N PHE A 470 1.50 -25.45 4.35
CA PHE A 470 2.45 -25.20 3.30
C PHE A 470 2.18 -26.07 2.09
N LEU A 471 1.97 -27.37 2.30
CA LEU A 471 1.72 -28.25 1.16
C LEU A 471 0.35 -28.01 0.54
N GLY A 472 -0.66 -27.64 1.32
CA GLY A 472 -1.94 -27.33 0.74
C GLY A 472 -1.91 -26.06 -0.09
N LYS A 473 -1.20 -25.04 0.38
CA LYS A 473 -1.15 -23.82 -0.38
C LYS A 473 -0.15 -23.88 -1.53
N LEU A 474 0.77 -24.85 -1.54
CA LEU A 474 1.51 -25.10 -2.77
C LEU A 474 0.68 -25.89 -3.77
N LEU A 475 -0.04 -26.90 -3.31
CA LEU A 475 -0.83 -27.73 -4.21
C LEU A 475 -2.03 -26.99 -4.76
N SER A 476 -2.44 -25.90 -4.11
CA SER A 476 -3.62 -25.18 -4.54
C SER A 476 -3.33 -23.97 -5.41
N ASP A 477 -2.45 -23.07 -4.98
CA ASP A 477 -2.25 -21.80 -5.68
C ASP A 477 -0.99 -21.80 -6.54
N LEU A 478 0.00 -22.60 -6.19
CA LEU A 478 1.23 -22.58 -6.94
C LEU A 478 1.18 -23.51 -8.14
N LEU A 479 0.63 -24.71 -7.97
CA LEU A 479 0.72 -25.70 -9.03
C LEU A 479 -0.11 -25.37 -10.28
N PRO A 480 -1.43 -25.12 -10.22
CA PRO A 480 -2.15 -24.91 -11.49
C PRO A 480 -1.87 -23.57 -12.14
N MET A 481 -1.65 -22.51 -11.36
CA MET A 481 -1.40 -21.19 -11.92
C MET A 481 0.03 -21.01 -12.42
N ARG A 482 0.86 -22.04 -12.32
CA ARG A 482 2.13 -22.06 -13.03
C ARG A 482 2.21 -23.18 -14.05
N MET A 483 1.31 -24.17 -13.98
CA MET A 483 1.21 -25.10 -15.10
C MET A 483 0.51 -24.48 -16.29
N LEU A 484 -0.57 -23.73 -16.07
CA LEU A 484 -1.38 -23.26 -17.19
C LEU A 484 -0.69 -22.21 -18.07
N PRO A 485 -0.02 -21.15 -17.55
CA PRO A 485 0.61 -20.20 -18.48
C PRO A 485 1.74 -20.76 -19.32
N SER A 486 2.51 -21.71 -18.82
CA SER A 486 3.61 -22.26 -19.62
C SER A 486 3.10 -23.14 -20.75
N ILE A 487 2.04 -23.92 -20.49
CA ILE A 487 1.37 -24.67 -21.54
C ILE A 487 0.81 -23.74 -22.60
N ILE A 488 0.23 -22.61 -22.18
CA ILE A 488 -0.33 -21.66 -23.13
C ILE A 488 0.76 -21.00 -23.98
N PHE A 489 1.89 -20.62 -23.35
CA PHE A 489 3.02 -20.06 -24.12
C PHE A 489 3.56 -21.03 -25.13
N THR A 490 3.78 -22.29 -24.73
CA THR A 490 4.39 -23.23 -25.65
C THR A 490 3.44 -23.58 -26.80
N CYS A 491 2.15 -23.78 -26.49
CA CYS A 491 1.19 -24.13 -27.53
C CYS A 491 0.91 -22.98 -28.48
N ILE A 492 1.09 -21.74 -28.02
CA ILE A 492 0.88 -20.63 -28.95
C ILE A 492 2.15 -20.31 -29.72
N VAL A 493 3.26 -19.96 -29.05
CA VAL A 493 4.42 -19.45 -29.75
C VAL A 493 5.24 -20.56 -30.40
N TYR A 494 4.88 -21.82 -30.17
CA TYR A 494 5.67 -22.85 -30.84
C TYR A 494 5.37 -22.93 -32.33
N PHE A 495 4.12 -23.19 -32.70
CA PHE A 495 3.81 -23.43 -34.10
C PHE A 495 3.69 -22.18 -34.95
N MET A 496 3.48 -21.02 -34.35
CA MET A 496 3.48 -19.79 -35.12
C MET A 496 4.90 -19.40 -35.51
N LEU A 497 5.85 -19.60 -34.61
CA LEU A 497 7.24 -19.32 -34.93
C LEU A 497 7.82 -20.35 -35.88
N GLY A 498 7.42 -21.61 -35.74
CA GLY A 498 8.05 -22.64 -36.53
C GLY A 498 9.42 -22.96 -35.98
N LEU A 499 9.45 -23.43 -34.74
CA LEU A 499 10.66 -23.95 -34.13
C LEU A 499 10.88 -25.38 -34.63
N LYS A 500 11.77 -26.14 -33.97
CA LYS A 500 12.20 -27.47 -34.39
C LYS A 500 11.04 -28.45 -34.47
N PRO A 501 10.59 -28.81 -35.68
CA PRO A 501 9.30 -29.49 -35.83
C PRO A 501 9.37 -30.98 -35.52
N LYS A 502 9.54 -31.29 -34.24
CA LYS A 502 9.57 -32.66 -33.76
C LYS A 502 8.45 -32.84 -32.75
N ALA A 503 8.31 -34.05 -32.24
CA ALA A 503 7.31 -34.30 -31.20
C ALA A 503 7.88 -34.00 -29.82
N ASP A 504 9.11 -34.45 -29.56
CA ASP A 504 9.67 -34.34 -28.23
C ASP A 504 10.27 -32.98 -27.94
N ALA A 505 10.67 -32.23 -28.96
CA ALA A 505 11.23 -30.90 -28.73
C ALA A 505 10.18 -29.95 -28.19
N PHE A 506 8.93 -30.14 -28.64
CA PHE A 506 7.79 -29.41 -28.09
C PHE A 506 7.61 -29.69 -26.60
N PHE A 507 7.75 -30.95 -26.20
CA PHE A 507 7.53 -31.31 -24.81
C PHE A 507 8.70 -30.89 -23.93
N VAL A 508 9.92 -30.91 -24.49
CA VAL A 508 11.08 -30.41 -23.74
C VAL A 508 10.97 -28.91 -23.54
N MET A 509 10.44 -28.19 -24.54
CA MET A 509 10.25 -26.75 -24.39
C MET A 509 9.17 -26.43 -23.37
N MET A 510 8.05 -27.17 -23.41
CA MET A 510 6.98 -26.99 -22.43
C MET A 510 7.45 -27.30 -21.02
N PHE A 511 8.24 -28.38 -20.88
CA PHE A 511 8.73 -28.78 -19.56
C PHE A 511 9.77 -27.80 -19.03
N THR A 512 10.60 -27.24 -19.91
CA THR A 512 11.61 -26.29 -19.46
C THR A 512 10.97 -24.97 -19.03
N LEU A 513 9.95 -24.53 -19.76
CA LEU A 513 9.24 -23.32 -19.33
C LEU A 513 8.49 -23.55 -18.02
N MET A 514 7.95 -24.75 -17.83
CA MET A 514 7.26 -25.03 -16.58
C MET A 514 8.24 -25.10 -15.41
N MET A 515 9.44 -25.67 -15.64
CA MET A 515 10.43 -25.76 -14.57
C MET A 515 11.01 -24.40 -14.21
N VAL A 516 11.22 -23.53 -15.20
CA VAL A 516 11.76 -22.21 -14.88
C VAL A 516 10.68 -21.36 -14.19
N ALA A 517 9.40 -21.63 -14.49
CA ALA A 517 8.32 -20.96 -13.77
C ALA A 517 8.27 -21.40 -12.32
N TYR A 518 8.33 -22.72 -12.06
CA TYR A 518 8.37 -23.23 -10.70
C TYR A 518 9.58 -22.75 -9.93
N SER A 519 10.73 -22.68 -10.57
CA SER A 519 11.95 -22.35 -9.85
C SER A 519 12.00 -20.87 -9.50
N ALA A 520 11.58 -19.99 -10.42
CA ALA A 520 11.50 -18.58 -10.09
C ALA A 520 10.43 -18.31 -9.05
N SER A 521 9.32 -19.04 -9.11
CA SER A 521 8.26 -18.82 -8.13
C SER A 521 8.64 -19.40 -6.77
N SER A 522 9.47 -20.45 -6.77
CA SER A 522 9.93 -21.02 -5.51
C SER A 522 10.94 -20.09 -4.86
N MET A 523 11.74 -19.37 -5.65
CA MET A 523 12.58 -18.34 -5.06
C MET A 523 11.75 -17.18 -4.52
N ALA A 524 10.63 -16.90 -5.19
CA ALA A 524 9.71 -15.89 -4.67
C ALA A 524 9.14 -16.29 -3.33
N LEU A 525 8.79 -17.57 -3.18
CA LEU A 525 8.26 -18.03 -1.91
C LEU A 525 9.34 -18.10 -0.85
N ALA A 526 10.59 -18.34 -1.26
CA ALA A 526 11.66 -18.41 -0.28
C ALA A 526 12.00 -17.04 0.27
N ILE A 527 11.91 -16.01 -0.58
CA ILE A 527 12.19 -14.65 -0.11
C ILE A 527 10.98 -14.07 0.61
N ALA A 528 9.78 -14.45 0.17
CA ALA A 528 8.59 -13.71 0.56
C ALA A 528 7.92 -14.28 1.81
N ALA A 529 8.20 -15.53 2.16
CA ALA A 529 7.46 -16.17 3.25
C ALA A 529 7.84 -15.57 4.59
N GLY A 530 6.85 -15.41 5.46
CA GLY A 530 7.11 -14.90 6.79
C GLY A 530 7.38 -13.42 6.87
N GLN A 531 6.98 -12.65 5.86
CA GLN A 531 7.07 -11.20 5.91
C GLN A 531 5.67 -10.60 5.87
N SER A 532 5.58 -9.30 6.15
CA SER A 532 4.27 -8.68 6.26
C SER A 532 3.98 -7.74 5.11
N VAL A 533 5.01 -7.15 4.49
CA VAL A 533 4.86 -6.21 3.40
C VAL A 533 5.18 -6.91 2.09
N VAL A 534 4.66 -6.39 0.98
CA VAL A 534 4.86 -7.02 -0.32
C VAL A 534 5.99 -6.32 -1.06
N SER A 535 6.18 -5.03 -0.80
CA SER A 535 6.99 -4.18 -1.68
C SER A 535 8.47 -4.51 -1.60
N VAL A 536 8.98 -4.77 -0.40
CA VAL A 536 10.40 -5.04 -0.24
C VAL A 536 10.75 -6.40 -0.83
N ALA A 537 9.86 -7.38 -0.66
CA ALA A 537 10.10 -8.70 -1.23
C ALA A 537 10.00 -8.69 -2.74
N THR A 538 9.05 -7.94 -3.29
CA THR A 538 8.93 -7.80 -4.75
C THR A 538 10.15 -7.11 -5.35
N LEU A 539 10.63 -6.05 -4.69
CA LEU A 539 11.83 -5.36 -5.15
C LEU A 539 13.05 -6.24 -5.08
N LEU A 540 13.17 -7.07 -4.03
CA LEU A 540 14.31 -7.95 -3.90
C LEU A 540 14.29 -9.06 -4.95
N MET A 541 13.09 -9.56 -5.28
CA MET A 541 12.94 -10.50 -6.39
C MET A 541 13.40 -9.90 -7.70
N THR A 542 13.06 -8.63 -7.93
CA THR A 542 13.42 -8.02 -9.20
C THR A 542 14.93 -7.75 -9.29
N ILE A 543 15.57 -7.38 -8.17
CA ILE A 543 17.02 -7.21 -8.16
C ILE A 543 17.73 -8.53 -8.44
N CYS A 544 17.28 -9.61 -7.78
CA CYS A 544 17.85 -10.93 -8.05
C CYS A 544 17.67 -11.35 -9.50
N PHE A 545 16.55 -11.01 -10.12
CA PHE A 545 16.35 -11.41 -11.51
C PHE A 545 17.18 -10.59 -12.48
N VAL A 546 17.43 -9.31 -12.19
CA VAL A 546 18.26 -8.56 -13.14
C VAL A 546 19.72 -8.90 -12.95
N PHE A 547 20.08 -9.50 -11.82
CA PHE A 547 21.45 -10.03 -11.74
C PHE A 547 21.54 -11.45 -12.26
N MET A 548 20.41 -12.14 -12.43
CA MET A 548 20.44 -13.45 -13.07
C MET A 548 20.46 -13.34 -14.60
N MET A 549 19.78 -12.34 -15.14
CA MET A 549 19.65 -12.26 -16.59
C MET A 549 20.91 -11.77 -17.27
N ILE A 550 21.83 -11.17 -16.52
CA ILE A 550 23.14 -10.89 -17.10
C ILE A 550 23.86 -12.20 -17.38
N PHE A 551 23.82 -13.11 -16.42
CA PHE A 551 24.49 -14.39 -16.54
C PHE A 551 23.67 -15.43 -17.28
N SER A 552 22.52 -15.05 -17.82
CA SER A 552 21.74 -15.97 -18.64
C SER A 552 22.51 -16.44 -19.88
N GLY A 553 23.20 -15.55 -20.57
CA GLY A 553 24.05 -15.93 -21.68
C GLY A 553 23.77 -15.23 -22.99
N LEU A 554 22.69 -14.46 -23.09
CA LEU A 554 22.47 -13.69 -24.31
C LEU A 554 23.25 -12.38 -24.27
N LEU A 555 23.24 -11.71 -23.13
CA LEU A 555 23.89 -10.40 -23.06
C LEU A 555 25.40 -10.53 -23.06
N VAL A 556 25.95 -11.26 -22.10
CA VAL A 556 27.39 -11.52 -22.03
C VAL A 556 27.61 -12.94 -22.54
N ASN A 557 28.76 -13.18 -23.15
CA ASN A 557 29.13 -14.54 -23.46
C ASN A 557 29.80 -15.14 -22.23
N LEU A 558 29.36 -16.34 -21.85
CA LEU A 558 29.70 -16.87 -20.53
C LEU A 558 31.16 -17.30 -20.45
N THR A 559 31.79 -17.58 -21.59
CA THR A 559 33.18 -17.98 -21.56
C THR A 559 34.09 -16.77 -21.38
N THR A 560 33.62 -15.59 -21.75
CA THR A 560 34.47 -14.40 -21.67
C THR A 560 34.39 -13.70 -20.33
N ILE A 561 33.57 -14.21 -19.40
CA ILE A 561 33.59 -13.69 -18.04
C ILE A 561 34.86 -14.18 -17.37
N ALA A 562 35.48 -13.29 -16.57
CA ALA A 562 36.66 -13.66 -15.80
C ALA A 562 36.33 -14.80 -14.83
N SER A 563 37.35 -15.60 -14.52
CA SER A 563 37.11 -16.87 -13.84
C SER A 563 36.83 -16.67 -12.36
N TRP A 564 37.16 -15.50 -11.82
CA TRP A 564 36.86 -15.25 -10.42
C TRP A 564 35.43 -14.74 -10.25
N LEU A 565 34.72 -14.55 -11.36
CA LEU A 565 33.35 -14.05 -11.36
C LEU A 565 32.44 -14.94 -12.18
N SER A 566 32.99 -15.90 -12.94
CA SER A 566 32.16 -16.77 -13.75
C SER A 566 31.52 -17.88 -12.95
N TRP A 567 31.80 -17.96 -11.64
CA TRP A 567 31.14 -18.95 -10.80
C TRP A 567 29.75 -18.52 -10.39
N LEU A 568 29.38 -17.26 -10.63
CA LEU A 568 28.05 -16.80 -10.30
C LEU A 568 27.01 -17.25 -11.31
N GLN A 569 27.45 -17.84 -12.42
CA GLN A 569 26.50 -18.23 -13.46
C GLN A 569 25.73 -19.48 -13.08
N TYR A 570 26.07 -20.10 -11.95
CA TYR A 570 25.35 -21.30 -11.54
C TYR A 570 24.17 -20.96 -10.65
N PHE A 571 24.15 -19.73 -10.13
CA PHE A 571 23.06 -19.31 -9.25
C PHE A 571 21.81 -18.90 -10.02
N SER A 572 21.89 -18.77 -11.34
CA SER A 572 20.89 -18.05 -12.10
C SER A 572 19.95 -19.00 -12.83
N ILE A 573 18.67 -18.89 -12.52
CA ILE A 573 17.56 -19.65 -13.12
C ILE A 573 17.34 -19.39 -14.60
N PRO A 574 17.41 -18.14 -15.13
CA PRO A 574 17.29 -17.98 -16.59
C PRO A 574 18.41 -18.61 -17.37
N ARG A 575 19.60 -18.77 -16.78
CA ARG A 575 20.69 -19.44 -17.49
C ARG A 575 20.38 -20.90 -17.72
N TYR A 576 19.77 -21.56 -16.74
CA TYR A 576 19.44 -22.97 -16.92
C TYR A 576 18.27 -23.15 -17.87
N GLY A 577 17.23 -22.32 -17.73
CA GLY A 577 16.11 -22.42 -18.66
C GLY A 577 16.49 -22.09 -20.09
N PHE A 578 17.27 -21.03 -20.27
CA PHE A 578 17.69 -20.55 -21.57
C PHE A 578 18.73 -21.45 -22.22
N THR A 579 19.64 -22.02 -21.44
CA THR A 579 20.57 -22.99 -21.99
C THR A 579 19.88 -24.27 -22.41
N ALA A 580 18.86 -24.70 -21.64
CA ALA A 580 18.12 -25.88 -22.03
C ALA A 580 17.30 -25.63 -23.29
N LEU A 581 16.73 -24.43 -23.45
CA LEU A 581 15.97 -24.16 -24.66
C LEU A 581 16.86 -23.99 -25.88
N GLN A 582 18.02 -23.35 -25.72
CA GLN A 582 18.97 -23.25 -26.83
C GLN A 582 19.50 -24.61 -27.25
N HIS A 583 19.81 -25.47 -26.28
CA HIS A 583 20.28 -26.80 -26.63
C HIS A 583 19.16 -27.63 -27.23
N ASN A 584 17.92 -27.35 -26.83
CA ASN A 584 16.78 -28.03 -27.43
C ASN A 584 16.61 -27.64 -28.89
N GLU A 585 16.84 -26.39 -29.21
CA GLU A 585 16.35 -25.92 -30.49
C GLU A 585 17.46 -25.75 -31.54
N PHE A 586 18.72 -25.59 -31.14
CA PHE A 586 19.77 -25.26 -32.09
C PHE A 586 20.51 -26.45 -32.68
N LEU A 587 20.02 -27.68 -32.50
CA LEU A 587 20.84 -28.83 -32.90
C LEU A 587 20.79 -29.07 -34.41
N GLY A 588 19.63 -29.45 -34.93
CA GLY A 588 19.53 -29.83 -36.32
C GLY A 588 19.43 -28.69 -37.32
N GLN A 589 19.76 -27.48 -36.93
CA GLN A 589 19.53 -26.34 -37.79
C GLN A 589 20.79 -25.92 -38.53
N ASN A 590 20.61 -25.45 -39.77
CA ASN A 590 21.67 -24.84 -40.56
C ASN A 590 21.26 -23.40 -40.87
N PHE A 591 22.21 -22.48 -40.77
CA PHE A 591 21.92 -21.06 -40.89
C PHE A 591 22.72 -20.40 -42.01
N CYS A 592 23.14 -21.15 -43.02
CA CYS A 592 23.76 -20.60 -44.21
C CYS A 592 23.14 -21.25 -45.43
N PRO A 593 22.25 -20.57 -46.14
CA PRO A 593 21.52 -21.23 -47.24
C PRO A 593 22.34 -21.31 -48.51
N GLY A 594 22.21 -22.43 -49.23
CA GLY A 594 22.95 -22.63 -50.46
C GLY A 594 24.46 -22.71 -50.26
N LEU A 595 24.90 -23.29 -49.14
CA LEU A 595 26.29 -23.16 -48.76
C LEU A 595 27.18 -24.19 -49.45
N ASN A 596 26.87 -25.48 -49.22
CA ASN A 596 27.55 -26.70 -49.71
C ASN A 596 29.07 -26.59 -49.84
N ALA A 597 29.70 -26.08 -48.78
CA ALA A 597 31.14 -25.86 -48.64
C ALA A 597 31.71 -24.97 -49.73
N THR A 598 31.21 -23.74 -49.85
CA THR A 598 31.76 -22.81 -50.84
C THR A 598 33.09 -22.24 -50.37
N GLY A 599 33.13 -21.71 -49.15
CA GLY A 599 34.32 -21.06 -48.66
C GLY A 599 35.19 -21.93 -47.77
N ASN A 600 35.22 -23.24 -48.05
CA ASN A 600 36.13 -24.22 -47.43
C ASN A 600 35.93 -24.27 -45.91
N ASN A 601 34.75 -24.79 -45.48
CA ASN A 601 34.30 -24.80 -44.09
C ASN A 601 34.31 -23.37 -43.56
N PRO A 602 33.25 -22.60 -43.82
CA PRO A 602 33.36 -21.25 -44.39
C PRO A 602 34.14 -20.23 -43.60
N CYS A 603 35.46 -20.28 -43.81
CA CYS A 603 36.40 -19.17 -43.61
C CYS A 603 36.50 -18.76 -42.13
N ASN A 604 36.22 -19.70 -41.22
CA ASN A 604 36.54 -19.70 -39.80
C ASN A 604 35.77 -18.64 -39.00
N TYR A 605 34.94 -17.82 -39.64
CA TYR A 605 34.20 -16.79 -38.93
C TYR A 605 32.72 -16.78 -39.31
N ALA A 606 32.15 -17.95 -39.60
CA ALA A 606 30.84 -17.98 -40.25
C ALA A 606 29.71 -18.11 -39.24
N THR A 607 29.84 -19.06 -38.31
CA THR A 607 28.75 -19.57 -37.47
C THR A 607 27.57 -20.00 -38.36
N CYS A 608 27.81 -21.04 -39.16
CA CYS A 608 26.79 -21.54 -40.07
C CYS A 608 25.89 -22.59 -39.42
N THR A 609 26.47 -23.70 -38.97
CA THR A 609 25.63 -24.72 -38.37
C THR A 609 25.25 -24.33 -36.96
N GLY A 610 24.22 -24.97 -36.43
CA GLY A 610 23.75 -24.61 -35.10
C GLY A 610 24.68 -25.07 -34.00
N GLU A 611 25.39 -26.17 -34.23
CA GLU A 611 26.34 -26.66 -33.24
C GLU A 611 27.52 -25.71 -33.09
N GLU A 612 27.90 -25.02 -34.16
CA GLU A 612 29.02 -24.09 -34.07
C GLU A 612 28.65 -22.86 -33.27
N TYR A 613 27.37 -22.46 -33.31
CA TYR A 613 26.90 -21.43 -32.40
C TYR A 613 26.83 -21.97 -30.98
N LEU A 614 26.35 -23.20 -30.83
CA LEU A 614 26.04 -23.71 -29.51
C LEU A 614 27.29 -24.11 -28.75
N VAL A 615 28.41 -24.29 -29.46
CA VAL A 615 29.69 -24.55 -28.79
C VAL A 615 30.27 -23.26 -28.23
N LYS A 616 30.35 -22.22 -29.05
CA LYS A 616 31.01 -20.99 -28.65
C LYS A 616 30.22 -20.18 -27.63
N GLN A 617 28.98 -20.58 -27.32
CA GLN A 617 28.31 -20.05 -26.16
C GLN A 617 28.75 -20.73 -24.87
N GLY A 618 29.44 -21.85 -24.96
CA GLY A 618 29.79 -22.61 -23.79
C GLY A 618 28.81 -23.70 -23.42
N ILE A 619 28.02 -24.18 -24.37
CA ILE A 619 26.99 -25.17 -24.07
C ILE A 619 27.43 -26.53 -24.61
N ASP A 620 27.27 -27.55 -23.78
CA ASP A 620 27.64 -28.92 -24.17
C ASP A 620 26.69 -29.41 -25.27
N LEU A 621 27.17 -30.37 -26.07
CA LEU A 621 26.36 -30.90 -27.15
C LEU A 621 25.74 -32.24 -26.80
N SER A 622 26.27 -32.91 -25.79
CA SER A 622 25.73 -34.18 -25.33
C SER A 622 24.37 -33.95 -24.66
N PRO A 623 23.52 -34.98 -24.56
CA PRO A 623 22.21 -34.77 -23.90
C PRO A 623 22.30 -34.49 -22.41
N TRP A 624 23.43 -34.78 -21.76
CA TRP A 624 23.62 -34.31 -20.40
C TRP A 624 23.71 -32.79 -20.38
N GLY A 625 24.19 -32.18 -21.47
CA GLY A 625 24.17 -30.73 -21.57
C GLY A 625 22.77 -30.16 -21.65
N LEU A 626 21.80 -31.01 -21.99
CA LEU A 626 20.40 -30.59 -21.86
C LEU A 626 19.89 -30.83 -20.45
N TRP A 627 20.08 -32.04 -19.91
CA TRP A 627 19.29 -32.41 -18.74
C TRP A 627 19.93 -31.97 -17.44
N LYS A 628 21.19 -31.51 -17.47
CA LYS A 628 21.74 -30.97 -16.23
C LYS A 628 21.11 -29.65 -15.86
N ASN A 629 20.55 -28.95 -16.86
CA ASN A 629 19.79 -27.75 -16.58
C ASN A 629 18.50 -28.07 -15.85
N HIS A 630 17.82 -29.15 -16.24
CA HIS A 630 16.58 -29.50 -15.56
C HIS A 630 16.84 -30.06 -14.17
N VAL A 631 17.96 -30.76 -13.97
CA VAL A 631 18.21 -31.24 -12.61
C VAL A 631 18.68 -30.10 -11.72
N ALA A 632 19.31 -29.07 -12.31
CA ALA A 632 19.65 -27.88 -11.53
C ALA A 632 18.40 -27.11 -11.14
N LEU A 633 17.43 -27.03 -12.05
CA LEU A 633 16.17 -26.37 -11.72
C LEU A 633 15.39 -27.14 -10.67
N ALA A 634 15.40 -28.47 -10.75
CA ALA A 634 14.68 -29.27 -9.75
C ALA A 634 15.34 -29.15 -8.39
N CYS A 635 16.66 -29.08 -8.33
CA CYS A 635 17.31 -28.92 -7.04
C CYS A 635 17.12 -27.51 -6.49
N MET A 636 16.97 -26.50 -7.37
CA MET A 636 16.67 -25.17 -6.85
C MET A 636 15.23 -25.06 -6.37
N ILE A 637 14.31 -25.80 -6.99
CA ILE A 637 12.94 -25.91 -6.46
C ILE A 637 12.95 -26.53 -5.07
N VAL A 638 13.71 -27.61 -4.89
CA VAL A 638 13.74 -28.29 -3.59
C VAL A 638 14.38 -27.41 -2.52
N ILE A 639 15.49 -26.75 -2.83
CA ILE A 639 16.16 -25.89 -1.86
C ILE A 639 15.31 -24.68 -1.51
N PHE A 640 14.67 -24.06 -2.51
CA PHE A 640 13.90 -22.85 -2.23
C PHE A 640 12.60 -23.15 -1.49
N LEU A 641 11.97 -24.29 -1.78
CA LEU A 641 10.79 -24.64 -1.01
C LEU A 641 11.15 -25.08 0.40
N THR A 642 12.33 -25.67 0.59
CA THR A 642 12.75 -26.00 1.95
C THR A 642 13.07 -24.75 2.76
N ILE A 643 13.68 -23.73 2.13
CA ILE A 643 13.93 -22.47 2.83
C ILE A 643 12.62 -21.76 3.14
N ALA A 644 11.64 -21.83 2.23
CA ALA A 644 10.33 -21.23 2.49
C ALA A 644 9.63 -21.94 3.65
N TYR A 645 9.74 -23.27 3.70
CA TYR A 645 9.15 -24.02 4.80
C TYR A 645 9.80 -23.69 6.13
N LEU A 646 11.14 -23.53 6.13
CA LEU A 646 11.80 -23.23 7.40
C LEU A 646 11.53 -21.80 7.84
N LYS A 647 11.28 -20.89 6.89
CA LYS A 647 10.93 -19.54 7.29
C LYS A 647 9.50 -19.47 7.80
N LEU A 648 8.63 -20.36 7.33
CA LEU A 648 7.30 -20.43 7.95
C LEU A 648 7.36 -21.12 9.30
N LEU A 649 8.21 -22.14 9.44
CA LEU A 649 8.21 -22.95 10.65
C LEU A 649 8.89 -22.22 11.80
N PHE A 650 9.96 -21.50 11.52
CA PHE A 650 10.67 -20.76 12.55
C PHE A 650 10.19 -19.34 12.71
N LEU A 651 8.95 -19.05 12.30
CA LEU A 651 8.40 -17.72 12.44
C LEU A 651 8.03 -17.46 13.88
N LYS A 652 8.13 -16.21 14.32
CA LYS A 652 7.65 -15.85 15.63
C LYS A 652 6.13 -15.77 15.61
N LYS A 653 5.48 -16.81 16.11
CA LYS A 653 4.03 -16.90 16.02
C LYS A 653 3.32 -16.03 17.05
N TYR A 654 4.01 -15.59 18.08
CA TYR A 654 3.34 -14.85 19.14
C TYR A 654 3.38 -13.35 18.92
N GLY B 34 -16.88 40.53 13.25
CA GLY B 34 -16.43 39.41 12.45
C GLY B 34 -17.37 39.08 11.30
N ALA B 35 -17.07 38.00 10.58
CA ALA B 35 -17.87 37.66 9.41
C ALA B 35 -19.09 36.83 9.82
N VAL B 36 -20.19 37.02 9.10
CA VAL B 36 -21.39 36.24 9.37
C VAL B 36 -21.72 35.43 8.12
N LEU B 37 -21.30 34.18 8.09
CA LEU B 37 -21.63 33.33 6.97
C LEU B 37 -23.05 32.82 7.13
N SER B 38 -23.91 33.17 6.17
CA SER B 38 -25.33 32.88 6.25
C SER B 38 -25.77 32.15 4.98
N PHE B 39 -25.84 30.84 5.06
CA PHE B 39 -26.27 30.04 3.93
C PHE B 39 -27.76 29.74 4.02
N HIS B 40 -28.44 29.76 2.88
CA HIS B 40 -29.89 29.64 2.82
C HIS B 40 -30.28 28.73 1.67
N ASN B 41 -31.10 27.72 1.97
CA ASN B 41 -31.77 26.86 0.98
C ASN B 41 -30.75 26.15 0.09
N ILE B 42 -29.73 25.55 0.71
CA ILE B 42 -28.76 24.78 -0.07
C ILE B 42 -29.37 23.46 -0.47
N CYS B 43 -29.44 23.23 -1.78
CA CYS B 43 -29.70 21.91 -2.33
C CYS B 43 -28.45 21.52 -3.09
N TYR B 44 -28.00 20.28 -2.94
CA TYR B 44 -26.79 19.85 -3.62
C TYR B 44 -26.96 18.43 -4.12
N ARG B 45 -26.35 18.13 -5.26
CA ARG B 45 -26.46 16.81 -5.88
C ARG B 45 -25.22 16.53 -6.71
N VAL B 46 -24.91 15.25 -6.89
CA VAL B 46 -23.72 14.80 -7.61
C VAL B 46 -24.11 13.78 -8.66
N LYS B 47 -23.14 13.48 -9.53
CA LYS B 47 -23.21 12.37 -10.45
C LYS B 47 -22.11 11.38 -10.06
N LEU B 48 -22.50 10.15 -9.75
CA LEU B 48 -21.56 9.14 -9.29
C LEU B 48 -20.79 8.53 -10.45
N PRO B 58 -24.02 7.47 -15.45
CA PRO B 58 -23.95 8.46 -14.38
C PRO B 58 -25.24 8.55 -13.56
N VAL B 59 -25.19 8.06 -12.32
CA VAL B 59 -26.33 8.05 -11.42
C VAL B 59 -26.31 9.34 -10.60
N GLU B 60 -27.40 10.09 -10.65
CA GLU B 60 -27.48 11.40 -10.01
C GLU B 60 -28.17 11.25 -8.66
N LYS B 61 -27.60 11.88 -7.63
CA LYS B 61 -28.03 11.68 -6.26
C LYS B 61 -27.79 12.94 -5.44
N GLU B 62 -28.79 13.33 -4.66
CA GLU B 62 -28.69 14.47 -3.76
C GLU B 62 -28.05 14.01 -2.46
N ILE B 63 -27.05 14.75 -1.98
CA ILE B 63 -26.39 14.42 -0.73
C ILE B 63 -26.55 15.55 0.27
N LEU B 64 -27.22 16.63 -0.14
CA LEU B 64 -27.71 17.66 0.77
C LEU B 64 -29.08 18.09 0.30
N SER B 65 -30.10 18.00 1.16
CA SER B 65 -31.46 18.15 0.66
C SER B 65 -31.97 19.58 0.74
N ASN B 66 -32.15 20.11 1.95
CA ASN B 66 -32.66 21.47 2.12
C ASN B 66 -32.13 21.99 3.45
N ILE B 67 -31.04 22.76 3.38
CA ILE B 67 -30.29 23.12 4.57
C ILE B 67 -30.15 24.64 4.58
N ASN B 68 -30.49 25.27 5.70
CA ASN B 68 -30.24 26.69 5.90
C ASN B 68 -29.76 26.93 7.31
N GLY B 69 -28.91 27.93 7.48
CA GLY B 69 -28.33 28.21 8.78
C GLY B 69 -27.47 29.45 8.75
N ILE B 70 -27.29 30.05 9.91
CA ILE B 70 -26.45 31.23 10.08
C ILE B 70 -25.33 30.88 11.06
N MET B 71 -24.13 31.35 10.77
CA MET B 71 -22.95 31.04 11.55
C MET B 71 -22.29 32.33 12.00
N LYS B 72 -22.39 32.61 13.30
CA LYS B 72 -21.94 33.84 13.89
C LYS B 72 -20.42 33.87 13.99
N PRO B 73 -19.84 35.06 14.25
CA PRO B 73 -18.47 35.10 14.75
C PRO B 73 -18.37 34.40 16.07
N GLY B 74 -17.43 33.47 16.16
CA GLY B 74 -17.41 32.49 17.23
C GLY B 74 -17.05 31.14 16.67
N LEU B 75 -17.61 30.09 17.25
CA LEU B 75 -17.15 28.74 16.99
C LEU B 75 -18.35 27.86 16.61
N ASN B 76 -18.36 27.39 15.37
CA ASN B 76 -19.50 26.70 14.79
C ASN B 76 -19.10 25.26 14.52
N ALA B 77 -19.92 24.33 14.97
CA ALA B 77 -19.60 22.91 14.84
C ALA B 77 -20.62 22.25 13.95
N ILE B 78 -20.21 21.20 13.26
CA ILE B 78 -21.10 20.41 12.42
C ILE B 78 -20.95 18.94 12.83
N LEU B 79 -22.04 18.35 13.31
CA LEU B 79 -22.06 16.98 13.78
C LEU B 79 -22.84 16.10 12.83
N GLY B 80 -22.62 14.78 12.93
CA GLY B 80 -23.40 13.83 12.18
C GLY B 80 -22.69 12.51 12.00
N PRO B 81 -23.30 11.59 11.25
CA PRO B 81 -22.61 10.36 10.90
C PRO B 81 -21.59 10.60 9.79
N THR B 82 -20.81 9.57 9.48
CA THR B 82 -19.86 9.61 8.38
C THR B 82 -20.58 9.79 7.05
N GLY B 83 -21.63 9.00 6.84
CA GLY B 83 -22.39 9.08 5.61
C GLY B 83 -23.30 10.29 5.52
N GLY B 84 -23.46 11.03 6.62
CA GLY B 84 -24.20 12.27 6.55
C GLY B 84 -23.42 13.36 5.83
N GLY B 85 -24.09 14.47 5.59
CA GLY B 85 -23.46 15.51 4.80
C GLY B 85 -22.60 16.49 5.56
N LYS B 86 -21.87 16.08 6.60
CA LYS B 86 -21.12 17.04 7.40
C LYS B 86 -19.91 17.58 6.64
N SER B 87 -19.08 16.68 6.09
CA SER B 87 -17.90 17.14 5.37
C SER B 87 -18.28 17.67 4.01
N SER B 88 -19.40 17.19 3.45
CA SER B 88 -19.88 17.73 2.18
C SER B 88 -20.37 19.17 2.36
N LEU B 89 -21.09 19.46 3.44
CA LEU B 89 -21.52 20.84 3.66
C LEU B 89 -20.34 21.73 4.01
N LEU B 90 -19.35 21.17 4.71
CA LEU B 90 -18.18 21.98 5.02
C LEU B 90 -17.37 22.28 3.76
N ASP B 91 -17.35 21.35 2.80
CA ASP B 91 -16.68 21.64 1.53
C ASP B 91 -17.50 22.61 0.69
N VAL B 92 -18.82 22.58 0.84
CA VAL B 92 -19.68 23.50 0.08
C VAL B 92 -19.51 24.93 0.57
N LEU B 93 -19.43 25.13 1.89
CA LEU B 93 -19.33 26.49 2.40
C LEU B 93 -17.98 27.14 2.11
N ALA B 94 -16.93 26.35 1.91
CA ALA B 94 -15.64 26.89 1.57
C ALA B 94 -15.38 26.86 0.07
N ALA B 95 -16.41 26.60 -0.73
CA ALA B 95 -16.35 26.45 -2.19
C ALA B 95 -15.37 25.37 -2.63
N ARG B 96 -15.20 24.33 -1.84
CA ARG B 96 -14.34 23.23 -2.25
C ARG B 96 -15.03 22.21 -3.14
N LYS B 97 -16.32 22.38 -3.41
CA LYS B 97 -17.03 21.54 -4.35
C LYS B 97 -17.59 22.41 -5.46
N ASP B 98 -17.81 21.80 -6.62
CA ASP B 98 -18.03 22.55 -7.85
C ASP B 98 -19.36 23.31 -7.80
N PRO B 99 -19.43 24.49 -8.41
CA PRO B 99 -20.69 25.25 -8.38
C PRO B 99 -21.76 24.73 -9.31
N SER B 100 -21.51 23.63 -10.03
CA SER B 100 -22.53 23.06 -10.88
C SER B 100 -23.66 22.44 -10.07
N GLY B 101 -23.29 21.65 -9.05
CA GLY B 101 -24.31 20.96 -8.27
C GLY B 101 -24.98 21.83 -7.23
N LEU B 102 -24.31 22.91 -6.81
CA LEU B 102 -24.83 23.79 -5.77
C LEU B 102 -26.05 24.56 -6.27
N SER B 103 -27.12 24.55 -5.48
CA SER B 103 -28.38 25.15 -5.90
C SER B 103 -28.95 26.14 -4.90
N GLY B 104 -28.11 26.82 -4.13
CA GLY B 104 -28.58 27.82 -3.20
C GLY B 104 -27.51 28.85 -2.92
N ASP B 105 -27.94 30.01 -2.40
CA ASP B 105 -27.01 31.10 -2.18
C ASP B 105 -26.22 30.91 -0.90
N VAL B 106 -24.90 30.96 -1.01
CA VAL B 106 -24.01 31.03 0.14
C VAL B 106 -23.51 32.46 0.21
N LEU B 107 -23.74 33.10 1.35
CA LEU B 107 -23.67 34.55 1.43
C LEU B 107 -23.02 34.96 2.74
N ILE B 108 -21.89 35.65 2.65
CA ILE B 108 -21.14 36.08 3.83
C ILE B 108 -21.38 37.58 4.04
N ASN B 109 -21.81 37.92 5.26
CA ASN B 109 -21.83 39.29 5.79
C ASN B 109 -22.72 40.23 4.96
N GLY B 110 -23.73 39.66 4.30
CA GLY B 110 -24.63 40.45 3.48
C GLY B 110 -24.36 40.44 1.99
N ALA B 111 -23.36 39.69 1.54
CA ALA B 111 -22.97 39.69 0.14
C ALA B 111 -22.63 38.27 -0.29
N PRO B 112 -22.77 37.94 -1.57
CA PRO B 112 -22.33 36.63 -2.04
C PRO B 112 -20.81 36.52 -2.01
N ARG B 113 -20.33 35.28 -2.14
CA ARG B 113 -18.91 35.02 -2.03
C ARG B 113 -18.18 35.55 -3.25
N PRO B 114 -17.17 36.41 -3.06
CA PRO B 114 -16.39 36.88 -4.21
C PRO B 114 -15.47 35.80 -4.76
N ALA B 115 -14.74 36.16 -5.82
CA ALA B 115 -13.84 35.20 -6.44
C ALA B 115 -12.53 35.07 -5.67
N ASN B 116 -12.26 36.03 -4.78
CA ASN B 116 -11.00 36.04 -4.04
C ASN B 116 -11.13 35.21 -2.76
N PHE B 117 -12.31 34.63 -2.54
CA PHE B 117 -12.72 34.03 -1.27
C PHE B 117 -11.84 32.87 -0.83
N LYS B 118 -11.52 31.97 -1.77
CA LYS B 118 -10.62 30.85 -1.49
C LYS B 118 -9.22 31.35 -1.12
N CYS B 119 -8.80 32.48 -1.66
CA CYS B 119 -7.49 33.02 -1.29
C CYS B 119 -7.56 33.74 0.04
N ASN B 120 -8.78 33.99 0.55
CA ASN B 120 -8.91 34.79 1.77
C ASN B 120 -9.24 33.92 2.97
N SER B 121 -10.03 32.87 2.77
CA SER B 121 -10.49 32.04 3.87
C SER B 121 -9.70 30.75 3.91
N GLY B 122 -9.06 30.48 5.04
CA GLY B 122 -8.23 29.30 5.14
C GLY B 122 -9.05 28.04 5.31
N TYR B 123 -8.48 26.91 4.94
CA TYR B 123 -9.11 25.61 5.05
C TYR B 123 -8.06 24.61 5.49
N VAL B 124 -8.41 23.74 6.43
CA VAL B 124 -7.45 22.83 7.04
C VAL B 124 -7.92 21.41 6.79
N VAL B 125 -7.09 20.64 6.10
CA VAL B 125 -7.49 19.32 5.62
C VAL B 125 -7.52 18.34 6.79
N GLN B 126 -8.22 17.22 6.61
CA GLN B 126 -8.34 16.22 7.67
C GLN B 126 -7.00 15.56 7.96
N ASP B 127 -6.42 14.90 6.96
CA ASP B 127 -5.05 14.42 7.05
C ASP B 127 -4.13 15.59 6.74
N ASP B 128 -3.06 15.73 7.51
CA ASP B 128 -2.20 16.89 7.39
C ASP B 128 -1.41 16.85 6.09
N VAL B 129 -1.35 17.98 5.43
CA VAL B 129 -0.61 18.11 4.19
C VAL B 129 0.70 18.88 4.39
N VAL B 130 1.20 18.90 5.63
CA VAL B 130 2.47 19.57 5.87
C VAL B 130 3.61 18.77 5.27
N MET B 131 4.68 19.45 4.93
CA MET B 131 5.88 18.79 4.43
C MET B 131 6.60 18.12 5.59
N GLY B 132 6.74 16.80 5.49
CA GLY B 132 7.30 16.05 6.61
C GLY B 132 8.79 16.28 6.78
N THR B 133 9.48 16.59 5.69
CA THR B 133 10.93 16.73 5.74
C THR B 133 11.34 18.16 6.07
N LEU B 134 10.51 19.13 5.72
CA LEU B 134 10.81 20.51 6.08
C LEU B 134 10.47 20.76 7.54
N THR B 135 11.04 21.81 8.08
CA THR B 135 10.79 22.16 9.48
C THR B 135 9.55 23.03 9.61
N VAL B 136 9.19 23.36 10.85
CA VAL B 136 7.94 24.07 11.11
C VAL B 136 8.05 25.53 10.69
N ARG B 137 9.24 26.13 10.84
CA ARG B 137 9.40 27.50 10.39
C ARG B 137 9.45 27.60 8.87
N GLU B 138 9.97 26.59 8.18
CA GLU B 138 10.09 26.69 6.73
C GLU B 138 8.77 26.41 6.02
N ASN B 139 7.88 25.64 6.65
CA ASN B 139 6.52 25.52 6.11
C ASN B 139 5.79 26.85 6.16
N LEU B 140 5.91 27.56 7.28
CA LEU B 140 5.28 28.87 7.38
C LEU B 140 5.98 29.89 6.49
N GLN B 141 7.29 29.72 6.27
CA GLN B 141 8.01 30.56 5.32
C GLN B 141 7.49 30.36 3.90
N PHE B 142 7.25 29.10 3.52
CA PHE B 142 6.67 28.76 2.23
C PHE B 142 5.29 29.36 2.05
N SER B 143 4.43 29.19 3.06
CA SER B 143 3.06 29.71 2.97
C SER B 143 3.04 31.23 2.96
N ALA B 144 3.96 31.85 3.69
CA ALA B 144 4.03 33.31 3.69
C ALA B 144 4.61 33.84 2.40
N ALA B 145 5.44 33.03 1.73
CA ALA B 145 6.00 33.47 0.47
C ALA B 145 4.99 33.40 -0.65
N LEU B 146 4.11 32.40 -0.62
CA LEU B 146 3.20 32.24 -1.74
C LEU B 146 1.85 32.91 -1.51
N ARG B 147 1.34 32.90 -0.29
CA ARG B 147 0.00 33.47 -0.08
C ARG B 147 0.05 34.99 0.03
N LEU B 148 1.03 35.52 0.73
CA LEU B 148 1.09 36.96 0.90
C LEU B 148 1.65 37.62 -0.34
N ALA B 149 1.68 38.95 -0.32
CA ALA B 149 2.01 39.70 -1.52
C ALA B 149 3.52 39.73 -1.74
N THR B 150 3.91 40.23 -2.92
CA THR B 150 5.32 40.42 -3.21
C THR B 150 5.82 41.76 -2.69
N THR B 151 4.87 42.63 -2.28
CA THR B 151 5.24 43.97 -1.84
C THR B 151 5.89 43.94 -0.47
N MET B 152 5.47 43.02 0.39
CA MET B 152 5.85 43.03 1.79
C MET B 152 7.32 42.70 2.00
N THR B 153 7.89 43.27 3.06
CA THR B 153 9.26 43.04 3.43
C THR B 153 9.41 41.63 3.99
N ASN B 154 10.60 41.04 3.80
CA ASN B 154 10.93 39.77 4.43
C ASN B 154 10.88 39.89 5.96
N HIS B 155 11.23 41.07 6.48
CA HIS B 155 11.10 41.32 7.92
C HIS B 155 9.64 41.26 8.36
N GLU B 156 8.73 41.81 7.54
CA GLU B 156 7.32 41.81 7.86
C GLU B 156 6.76 40.39 7.86
N LYS B 157 7.16 39.59 6.87
CA LYS B 157 6.70 38.21 6.80
C LYS B 157 7.29 37.37 7.93
N ASN B 158 8.55 37.63 8.30
CA ASN B 158 9.15 36.90 9.41
C ASN B 158 8.50 37.27 10.74
N GLU B 159 8.12 38.54 10.91
CA GLU B 159 7.40 38.92 12.12
C GLU B 159 5.99 38.33 12.15
N ARG B 160 5.36 38.20 10.97
CA ARG B 160 4.05 37.55 10.89
C ARG B 160 4.15 36.08 11.27
N ILE B 161 5.18 35.41 10.77
CA ILE B 161 5.41 34.00 11.10
C ILE B 161 5.72 33.83 12.58
N ASN B 162 6.47 34.77 13.16
CA ASN B 162 6.76 34.72 14.59
C ASN B 162 5.51 34.93 15.42
N ARG B 163 4.61 35.80 14.96
CA ARG B 163 3.35 36.04 15.66
C ARG B 163 2.45 34.79 15.59
N VAL B 164 2.38 34.17 14.41
CA VAL B 164 1.54 32.99 14.23
C VAL B 164 2.08 31.82 15.03
N ILE B 165 3.40 31.63 15.03
CA ILE B 165 3.98 30.53 15.80
C ILE B 165 4.00 30.84 17.29
N GLN B 166 3.80 32.11 17.67
CA GLN B 166 3.59 32.42 19.07
C GLN B 166 2.16 32.09 19.49
N GLU B 167 1.20 32.32 18.60
CA GLU B 167 -0.20 32.08 18.96
C GLU B 167 -0.51 30.59 19.07
N LEU B 168 0.30 29.75 18.45
CA LEU B 168 0.05 28.32 18.42
C LEU B 168 0.71 27.57 19.56
N GLY B 169 1.75 28.13 20.16
CA GLY B 169 2.50 27.37 21.14
C GLY B 169 3.47 26.40 20.52
N LEU B 170 3.96 26.70 19.31
CA LEU B 170 4.99 25.92 18.66
C LEU B 170 6.36 26.52 18.83
N ASP B 171 6.57 27.37 19.84
CA ASP B 171 7.83 28.09 19.96
C ASP B 171 8.93 27.16 20.47
N LYS B 172 8.55 26.10 21.18
CA LYS B 172 9.55 25.15 21.67
C LYS B 172 10.09 24.30 20.53
N VAL B 173 9.29 24.13 19.48
CA VAL B 173 9.64 23.24 18.38
C VAL B 173 9.68 23.99 17.05
N ALA B 174 9.90 25.31 17.11
CA ALA B 174 9.89 26.24 15.99
C ALA B 174 10.86 25.90 14.86
N ASP B 175 11.94 25.18 15.17
CA ASP B 175 12.95 24.84 14.17
C ASP B 175 13.29 23.36 14.13
N SER B 176 12.36 22.48 14.49
CA SER B 176 12.61 21.05 14.33
C SER B 176 11.80 20.51 13.15
N LYS B 177 12.23 19.37 12.64
CA LYS B 177 11.60 18.82 11.44
C LYS B 177 10.27 18.17 11.80
N VAL B 178 9.34 18.22 10.85
CA VAL B 178 7.97 17.77 11.13
C VAL B 178 7.90 16.25 11.16
N GLY B 179 8.59 15.59 10.26
CA GLY B 179 8.78 14.18 10.51
C GLY B 179 8.21 13.30 9.42
N THR B 180 8.93 12.22 9.13
CA THR B 180 8.55 11.21 8.14
C THR B 180 8.84 9.84 8.73
N GLN B 181 8.91 8.85 7.84
CA GLN B 181 9.25 7.50 8.28
C GLN B 181 10.70 7.38 8.74
N PHE B 182 11.65 7.92 7.97
CA PHE B 182 13.06 7.65 8.27
C PHE B 182 13.59 8.53 9.39
N ILE B 183 13.10 9.76 9.50
CA ILE B 183 13.53 10.66 10.57
C ILE B 183 12.40 10.79 11.59
N ARG B 184 12.76 10.77 12.87
CA ARG B 184 11.77 11.05 13.90
C ARG B 184 11.47 12.53 13.92
N GLY B 185 10.23 12.88 14.26
CA GLY B 185 9.86 14.27 14.20
C GLY B 185 8.93 14.74 15.28
N VAL B 186 8.19 15.80 14.99
CA VAL B 186 7.32 16.42 15.97
C VAL B 186 6.06 15.57 16.13
N SER B 187 5.39 15.72 17.27
CA SER B 187 4.21 14.92 17.59
C SER B 187 3.02 15.33 16.72
N GLY B 188 1.97 14.49 16.78
CA GLY B 188 0.86 14.65 15.84
C GLY B 188 0.00 15.87 16.11
N GLY B 189 -0.16 16.23 17.38
CA GLY B 189 -0.91 17.44 17.70
C GLY B 189 -0.18 18.70 17.26
N GLU B 190 1.14 18.65 17.26
CA GLU B 190 1.88 19.83 16.83
C GLU B 190 2.05 19.85 15.32
N ARG B 191 1.95 18.69 14.66
CA ARG B 191 1.71 18.68 13.22
C ARG B 191 0.38 19.34 12.87
N LYS B 192 -0.67 19.04 13.64
CA LYS B 192 -1.96 19.65 13.39
C LYS B 192 -1.94 21.15 13.65
N ARG B 193 -1.21 21.57 14.68
CA ARG B 193 -1.04 23.00 14.92
C ARG B 193 -0.25 23.66 13.80
N THR B 194 0.71 22.95 13.21
CA THR B 194 1.42 23.47 12.05
C THR B 194 0.49 23.61 10.85
N SER B 195 -0.40 22.64 10.66
CA SER B 195 -1.32 22.69 9.53
C SER B 195 -2.34 23.81 9.69
N ILE B 196 -2.69 24.14 10.94
CA ILE B 196 -3.54 25.31 11.19
C ILE B 196 -2.74 26.59 10.96
N GLY B 197 -1.46 26.57 11.36
CA GLY B 197 -0.66 27.77 11.26
C GLY B 197 -0.29 28.13 9.84
N MET B 198 -0.29 27.14 8.94
CA MET B 198 -0.03 27.44 7.54
C MET B 198 -1.15 28.27 6.93
N GLU B 199 -2.38 28.08 7.42
CA GLU B 199 -3.51 28.83 6.87
C GLU B 199 -3.79 30.07 7.71
N LEU B 200 -3.18 30.17 8.90
CA LEU B 200 -3.30 31.39 9.68
C LEU B 200 -2.42 32.53 9.18
N ILE B 201 -1.58 32.31 8.16
CA ILE B 201 -0.61 33.32 7.76
C ILE B 201 -1.29 34.49 7.08
N THR B 202 -2.24 34.21 6.19
CA THR B 202 -2.93 35.24 5.44
C THR B 202 -3.97 36.00 6.25
N ASP B 203 -4.08 35.72 7.55
CA ASP B 203 -5.07 36.28 8.47
C ASP B 203 -6.50 36.11 7.92
N PRO B 204 -7.04 34.90 7.97
CA PRO B 204 -8.35 34.67 7.37
C PRO B 204 -9.46 35.20 8.25
N SER B 205 -10.49 35.77 7.60
CA SER B 205 -11.67 36.18 8.34
C SER B 205 -12.49 34.97 8.76
N ILE B 206 -12.63 34.00 7.86
CA ILE B 206 -13.35 32.75 8.13
C ILE B 206 -12.34 31.62 8.07
N LEU B 207 -12.38 30.74 9.06
CA LEU B 207 -11.42 29.63 9.12
C LEU B 207 -12.18 28.33 9.20
N PHE B 208 -12.07 27.50 8.17
CA PHE B 208 -12.74 26.22 8.11
C PHE B 208 -11.79 25.14 8.62
N LEU B 209 -12.34 24.03 9.08
CA LEU B 209 -11.55 22.92 9.60
C LEU B 209 -12.28 21.61 9.39
N ASP B 210 -11.75 20.77 8.51
CA ASP B 210 -12.26 19.44 8.29
C ASP B 210 -11.62 18.51 9.31
N GLU B 211 -12.41 18.04 10.28
CA GLU B 211 -12.08 17.00 11.26
C GLU B 211 -10.82 17.29 12.09
N PRO B 212 -10.81 18.32 12.94
CA PRO B 212 -9.56 18.59 13.68
C PRO B 212 -9.31 17.65 14.85
N THR B 213 -10.27 16.79 15.18
CA THR B 213 -10.09 15.92 16.33
C THR B 213 -9.57 14.55 15.92
N THR B 214 -10.02 14.03 14.79
CA THR B 214 -9.81 12.62 14.49
C THR B 214 -8.36 12.36 14.10
N GLY B 215 -7.94 11.10 14.25
CA GLY B 215 -6.55 10.73 14.13
C GLY B 215 -5.70 11.04 15.33
N LEU B 216 -6.27 11.62 16.38
CA LEU B 216 -5.52 12.07 17.54
C LEU B 216 -6.01 11.36 18.79
N ASP B 217 -5.22 11.46 19.85
CA ASP B 217 -5.64 10.97 21.15
C ASP B 217 -6.47 12.03 21.87
N SER B 218 -6.89 11.71 23.09
CA SER B 218 -7.94 12.50 23.74
C SER B 218 -7.42 13.84 24.23
N SER B 219 -6.35 13.84 25.04
CA SER B 219 -5.83 15.08 25.60
C SER B 219 -5.24 15.97 24.52
N THR B 220 -4.70 15.35 23.47
CA THR B 220 -4.27 16.07 22.27
C THR B 220 -5.43 16.82 21.62
N ALA B 221 -6.57 16.13 21.46
CA ALA B 221 -7.75 16.76 20.86
C ALA B 221 -8.29 17.88 21.72
N ASN B 222 -8.28 17.69 23.05
CA ASN B 222 -8.72 18.76 23.95
C ASN B 222 -7.79 19.96 23.88
N ALA B 223 -6.48 19.72 23.72
CA ALA B 223 -5.54 20.84 23.60
C ALA B 223 -5.76 21.61 22.31
N VAL B 224 -5.99 20.90 21.20
CA VAL B 224 -6.26 21.54 19.91
C VAL B 224 -7.54 22.37 19.98
N LEU B 225 -8.57 21.84 20.63
CA LEU B 225 -9.84 22.57 20.68
C LEU B 225 -9.80 23.74 21.64
N LEU B 226 -9.00 23.66 22.70
CA LEU B 226 -8.81 24.82 23.56
C LEU B 226 -8.03 25.91 22.82
N LEU B 227 -7.08 25.50 21.98
CA LEU B 227 -6.42 26.46 21.09
C LEU B 227 -7.41 27.12 20.14
N LEU B 228 -8.35 26.33 19.61
CA LEU B 228 -9.36 26.88 18.71
C LEU B 228 -10.28 27.86 19.43
N LYS B 229 -10.61 27.58 20.69
CA LYS B 229 -11.44 28.50 21.45
C LYS B 229 -10.70 29.80 21.75
N ARG B 230 -9.40 29.69 22.04
CA ARG B 230 -8.59 30.89 22.24
C ARG B 230 -8.47 31.71 20.96
N MET B 231 -8.49 31.04 19.79
CA MET B 231 -8.55 31.77 18.53
C MET B 231 -9.89 32.44 18.34
N SER B 232 -10.98 31.74 18.71
CA SER B 232 -12.31 32.24 18.40
C SER B 232 -12.72 33.37 19.32
N LYS B 233 -12.07 33.48 20.49
CA LYS B 233 -12.38 34.62 21.37
C LYS B 233 -11.88 35.94 20.80
N GLN B 234 -10.91 35.91 19.88
CA GLN B 234 -10.43 37.11 19.23
C GLN B 234 -11.46 37.73 18.29
N GLY B 235 -12.32 36.93 17.68
CA GLY B 235 -13.26 37.42 16.70
C GLY B 235 -13.23 36.68 15.38
N ARG B 236 -12.39 35.66 15.27
CA ARG B 236 -12.28 34.88 14.05
C ARG B 236 -13.36 33.79 14.04
N THR B 237 -14.02 33.65 12.89
CA THR B 237 -15.17 32.77 12.77
C THR B 237 -14.70 31.39 12.36
N ILE B 238 -14.70 30.46 13.30
CA ILE B 238 -14.20 29.11 13.06
C ILE B 238 -15.40 28.23 12.75
N ILE B 239 -15.31 27.49 11.65
CA ILE B 239 -16.34 26.56 11.23
C ILE B 239 -15.69 25.20 11.09
N PHE B 240 -16.19 24.19 11.80
CA PHE B 240 -15.50 22.91 11.69
C PHE B 240 -16.46 21.76 11.77
N SER B 241 -16.08 20.66 11.12
CA SER B 241 -16.82 19.42 11.25
C SER B 241 -16.03 18.49 12.14
N ILE B 242 -16.71 17.65 12.92
CA ILE B 242 -16.05 16.69 13.79
C ILE B 242 -16.80 15.38 13.75
N HIS B 243 -16.34 14.44 14.58
CA HIS B 243 -16.82 13.07 14.56
C HIS B 243 -16.80 12.54 15.99
N GLN B 244 -18.00 12.29 16.54
CA GLN B 244 -18.26 11.80 17.90
C GLN B 244 -17.41 12.43 19.03
N PRO B 245 -17.70 13.67 19.40
CA PRO B 245 -16.85 14.35 20.38
C PRO B 245 -17.15 13.95 21.80
N ARG B 246 -16.31 14.42 22.72
CA ARG B 246 -16.54 14.28 24.15
C ARG B 246 -17.35 15.45 24.66
N TYR B 247 -17.83 15.34 25.90
CA TYR B 247 -18.61 16.44 26.47
C TYR B 247 -17.70 17.60 26.87
N SER B 248 -16.45 17.30 27.21
CA SER B 248 -15.48 18.36 27.46
C SER B 248 -15.17 19.13 26.19
N ILE B 249 -15.30 18.47 25.03
CA ILE B 249 -15.32 19.17 23.76
C ILE B 249 -16.63 19.92 23.59
N PHE B 250 -17.76 19.25 23.84
CA PHE B 250 -19.07 19.73 23.43
C PHE B 250 -19.51 20.96 24.24
N LYS B 251 -18.92 21.17 25.41
CA LYS B 251 -19.29 22.33 26.21
C LYS B 251 -18.71 23.61 25.64
N LEU B 252 -17.77 23.51 24.72
CA LEU B 252 -17.06 24.69 24.24
C LEU B 252 -17.76 25.35 23.05
N PHE B 253 -18.77 24.70 22.49
CA PHE B 253 -19.30 25.13 21.19
C PHE B 253 -20.16 26.36 21.33
N ASP B 254 -20.10 27.24 20.34
CA ASP B 254 -20.98 28.39 20.31
C ASP B 254 -22.22 28.13 19.49
N SER B 255 -22.09 27.47 18.35
CA SER B 255 -23.24 27.11 17.53
C SER B 255 -23.09 25.71 16.99
N LEU B 256 -24.21 25.04 16.78
CA LEU B 256 -24.24 23.62 16.42
C LEU B 256 -25.04 23.46 15.14
N THR B 257 -24.63 22.51 14.30
CA THR B 257 -25.39 22.13 13.12
C THR B 257 -25.30 20.63 12.94
N LEU B 258 -26.41 19.93 13.17
CA LEU B 258 -26.45 18.49 13.08
C LEU B 258 -26.98 18.11 11.71
N LEU B 259 -26.36 17.13 11.07
CA LEU B 259 -26.77 16.68 9.74
C LEU B 259 -26.91 15.17 9.76
N ALA B 260 -27.83 14.67 8.94
CA ALA B 260 -28.03 13.23 8.82
C ALA B 260 -28.64 12.90 7.48
N SER B 261 -27.95 12.05 6.71
CA SER B 261 -28.39 11.54 5.41
C SER B 261 -28.73 12.66 4.42
N GLY B 262 -28.02 13.78 4.54
CA GLY B 262 -28.25 14.90 3.68
C GLY B 262 -29.31 15.86 4.14
N ARG B 263 -29.84 15.70 5.34
CA ARG B 263 -30.90 16.58 5.81
C ARG B 263 -30.49 17.22 7.13
N LEU B 264 -30.90 18.46 7.30
CA LEU B 264 -30.60 19.24 8.50
C LEU B 264 -31.43 18.70 9.65
N MET B 265 -30.79 18.45 10.80
CA MET B 265 -31.52 17.91 11.94
C MET B 265 -31.69 18.96 13.01
N PHE B 266 -30.67 19.79 13.22
CA PHE B 266 -30.75 20.87 14.19
C PHE B 266 -29.85 22.00 13.72
N HIS B 267 -30.22 23.23 14.04
CA HIS B 267 -29.31 24.36 13.97
C HIS B 267 -29.74 25.40 14.99
N GLY B 268 -28.85 25.71 15.92
CA GLY B 268 -29.08 26.70 16.93
C GLY B 268 -27.87 26.77 17.82
N PRO B 269 -27.97 27.46 18.95
CA PRO B 269 -26.88 27.40 19.94
C PRO B 269 -26.76 26.00 20.52
N ALA B 270 -25.53 25.65 20.90
CA ALA B 270 -25.24 24.25 21.21
C ALA B 270 -25.78 23.85 22.58
N GLN B 271 -25.90 24.82 23.50
CA GLN B 271 -26.50 24.54 24.79
C GLN B 271 -28.00 24.24 24.64
N GLU B 272 -28.63 24.85 23.63
CA GLU B 272 -30.08 24.74 23.49
C GLU B 272 -30.49 23.40 22.89
N ALA B 273 -29.53 22.63 22.37
CA ALA B 273 -29.85 21.49 21.52
C ALA B 273 -30.43 20.33 22.33
N LEU B 274 -29.84 20.05 23.49
CA LEU B 274 -30.37 19.01 24.37
C LEU B 274 -31.74 19.36 24.93
N GLY B 275 -31.98 20.63 25.27
CA GLY B 275 -33.30 21.04 25.70
C GLY B 275 -34.31 20.95 24.57
N TYR B 276 -33.88 21.22 23.34
CA TYR B 276 -34.76 21.07 22.19
C TYR B 276 -35.14 19.61 21.96
N PHE B 277 -34.18 18.71 22.14
CA PHE B 277 -34.50 17.30 21.94
C PHE B 277 -35.24 16.70 23.13
N GLU B 278 -35.15 17.31 24.32
CA GLU B 278 -36.07 16.96 25.38
C GLU B 278 -37.49 17.41 25.05
N SER B 279 -37.61 18.59 24.44
CA SER B 279 -38.93 19.08 24.03
C SER B 279 -39.48 18.28 22.86
N ALA B 280 -38.61 17.62 22.09
CA ALA B 280 -39.08 16.79 20.99
C ALA B 280 -39.70 15.50 21.51
N GLY B 281 -39.29 15.06 22.69
CA GLY B 281 -39.83 13.85 23.29
C GLY B 281 -38.85 12.72 23.48
N TYR B 282 -37.55 12.95 23.32
CA TYR B 282 -36.54 11.91 23.48
C TYR B 282 -35.86 12.11 24.83
N HIS B 283 -36.01 11.11 25.70
CA HIS B 283 -35.46 11.22 27.05
C HIS B 283 -33.96 10.96 27.04
N CYS B 284 -33.21 11.87 27.65
CA CYS B 284 -31.78 11.71 27.82
C CYS B 284 -31.53 11.05 29.17
N GLU B 285 -30.66 10.03 29.18
CA GLU B 285 -30.33 9.36 30.42
C GLU B 285 -29.15 10.05 31.09
N ALA B 286 -29.00 9.79 32.38
CA ALA B 286 -27.89 10.35 33.13
C ALA B 286 -26.59 9.68 32.73
N TYR B 287 -25.49 10.43 32.93
CA TYR B 287 -24.12 10.02 32.60
C TYR B 287 -23.99 9.60 31.13
N ASN B 288 -24.52 10.43 30.23
CA ASN B 288 -24.48 10.15 28.80
C ASN B 288 -24.01 11.40 28.07
N ASN B 289 -23.13 11.21 27.11
CA ASN B 289 -22.62 12.33 26.32
C ASN B 289 -23.73 12.84 25.40
N PRO B 290 -24.03 14.16 25.44
CA PRO B 290 -25.13 14.68 24.59
C PRO B 290 -24.89 14.54 23.11
N ALA B 291 -23.65 14.62 22.63
CA ALA B 291 -23.38 14.41 21.21
C ALA B 291 -23.61 12.95 20.83
N ASP B 292 -23.24 12.02 21.70
CA ASP B 292 -23.55 10.61 21.50
C ASP B 292 -25.06 10.38 21.56
N PHE B 293 -25.76 11.17 22.37
CA PHE B 293 -27.21 11.10 22.39
C PHE B 293 -27.80 11.61 21.08
N PHE B 294 -27.16 12.62 20.48
CA PHE B 294 -27.63 13.18 19.22
C PHE B 294 -27.46 12.16 18.10
N LEU B 295 -26.33 11.46 18.08
CA LEU B 295 -26.15 10.40 17.11
C LEU B 295 -27.04 9.19 17.40
N ASP B 296 -27.37 8.97 18.67
CA ASP B 296 -28.22 7.83 19.02
C ASP B 296 -29.68 8.08 18.62
N ILE B 297 -30.08 9.36 18.57
CA ILE B 297 -31.37 9.71 17.99
C ILE B 297 -31.41 9.35 16.52
N ILE B 298 -30.30 9.61 15.81
CA ILE B 298 -30.23 9.35 14.37
C ILE B 298 -30.24 7.85 14.10
N ASN B 299 -29.47 7.10 14.88
CA ASN B 299 -29.25 5.68 14.58
C ASN B 299 -30.49 4.85 14.91
N GLY B 300 -31.39 5.38 15.74
CA GLY B 300 -32.61 4.69 16.08
C GLY B 300 -32.53 3.81 17.31
N ASP B 301 -31.86 4.28 18.36
CA ASP B 301 -31.65 3.56 19.64
C ASP B 301 -31.00 2.19 19.45
N LEU B 328 -37.58 7.46 9.48
CA LEU B 328 -37.25 8.15 10.72
C LEU B 328 -36.69 9.54 10.46
N ILE B 329 -35.79 9.64 9.50
CA ILE B 329 -35.10 10.90 9.24
C ILE B 329 -36.05 11.89 8.57
N GLU B 330 -36.93 11.40 7.70
CA GLU B 330 -37.99 12.25 7.18
C GLU B 330 -39.01 12.61 8.26
N LYS B 331 -39.18 11.76 9.27
CA LYS B 331 -40.03 12.11 10.40
C LYS B 331 -39.37 13.14 11.31
N LEU B 332 -38.07 12.98 11.55
CA LEU B 332 -37.35 13.84 12.47
C LEU B 332 -36.93 15.17 11.86
N ALA B 333 -36.84 15.25 10.53
CA ALA B 333 -36.47 16.53 9.92
C ALA B 333 -37.64 17.51 9.95
N GLU B 334 -38.86 17.00 9.82
CA GLU B 334 -40.06 17.85 9.87
C GLU B 334 -40.33 18.39 11.27
N ILE B 335 -39.81 17.73 12.30
CA ILE B 335 -39.94 18.25 13.66
C ILE B 335 -39.12 19.52 13.81
N TYR B 336 -37.98 19.60 13.11
CA TYR B 336 -37.20 20.83 13.15
C TYR B 336 -37.87 21.94 12.35
N VAL B 337 -38.71 21.59 11.37
CA VAL B 337 -39.44 22.60 10.61
C VAL B 337 -40.48 23.28 11.51
N ASN B 338 -40.97 22.57 12.52
CA ASN B 338 -41.94 23.13 13.46
C ASN B 338 -41.28 23.64 14.73
N SER B 339 -40.07 24.18 14.64
CA SER B 339 -39.35 24.66 15.81
C SER B 339 -39.49 26.16 15.99
N SER B 340 -38.97 26.64 17.12
CA SER B 340 -38.75 28.05 17.35
C SER B 340 -37.38 28.50 16.88
N PHE B 341 -36.46 27.57 16.67
CA PHE B 341 -35.12 27.85 16.19
C PHE B 341 -35.05 27.95 14.68
N TYR B 342 -36.11 27.54 14.00
CA TYR B 342 -36.21 27.50 12.55
C TYR B 342 -36.89 28.75 12.00
N LYS B 343 -37.97 29.18 12.66
CA LYS B 343 -38.62 30.42 12.28
C LYS B 343 -37.75 31.62 12.57
N GLU B 344 -36.98 31.58 13.66
CA GLU B 344 -36.04 32.65 13.95
C GLU B 344 -34.91 32.67 12.93
N THR B 345 -34.49 31.49 12.48
CA THR B 345 -33.42 31.40 11.48
C THR B 345 -33.89 31.95 10.14
N LYS B 346 -35.13 31.64 9.74
CA LYS B 346 -35.66 32.23 8.52
C LYS B 346 -35.91 33.72 8.68
N ALA B 347 -36.31 34.16 9.88
CA ALA B 347 -36.50 35.58 10.13
C ALA B 347 -35.20 36.37 10.09
N GLU B 348 -34.08 35.74 10.40
CA GLU B 348 -32.77 36.34 10.21
C GLU B 348 -32.28 36.25 8.78
N LEU B 349 -32.54 35.13 8.09
CA LEU B 349 -32.04 34.94 6.73
C LEU B 349 -32.76 35.81 5.71
N HIS B 350 -34.08 35.91 5.80
CA HIS B 350 -34.81 36.78 4.89
C HIS B 350 -34.60 38.26 5.20
N GLN B 351 -34.08 38.59 6.37
CA GLN B 351 -33.62 39.95 6.63
C GLN B 351 -32.35 40.27 5.85
N LEU B 352 -31.39 39.36 5.85
CA LEU B 352 -30.11 39.59 5.18
C LEU B 352 -30.21 39.45 3.66
N SER B 353 -31.01 38.51 3.16
CA SER B 353 -31.13 38.33 1.73
C SER B 353 -31.97 39.44 1.10
N GLY B 354 -33.22 39.57 1.54
CA GLY B 354 -34.10 40.59 1.00
C GLY B 354 -33.94 41.94 1.65
N TYR B 369 -1.59 35.79 -10.79
CA TYR B 369 -2.33 35.75 -9.53
C TYR B 369 -1.87 36.87 -8.61
N THR B 370 -1.75 36.54 -7.33
CA THR B 370 -1.15 37.47 -6.38
C THR B 370 0.33 37.68 -6.67
N THR B 371 1.07 36.60 -6.91
CA THR B 371 2.50 36.65 -7.12
C THR B 371 2.82 36.35 -8.58
N SER B 372 4.05 36.63 -8.97
CA SER B 372 4.46 36.42 -10.35
C SER B 372 4.75 34.95 -10.62
N PHE B 373 5.10 34.64 -11.87
CA PHE B 373 5.34 33.26 -12.24
C PHE B 373 6.67 32.76 -11.72
N CYS B 374 7.74 33.54 -11.92
CA CYS B 374 9.07 33.12 -11.51
C CYS B 374 9.18 33.01 -10.00
N HIS B 375 8.39 33.78 -9.27
CA HIS B 375 8.32 33.68 -7.81
C HIS B 375 7.76 32.32 -7.39
N GLN B 376 6.65 31.91 -8.02
CA GLN B 376 6.04 30.62 -7.71
C GLN B 376 6.95 29.47 -8.11
N LEU B 377 7.61 29.60 -9.26
CA LEU B 377 8.51 28.54 -9.71
C LEU B 377 9.71 28.43 -8.78
N ARG B 378 10.22 29.56 -8.30
CA ARG B 378 11.37 29.56 -7.40
C ARG B 378 11.03 28.93 -6.07
N TRP B 379 9.87 29.26 -5.50
CA TRP B 379 9.54 28.72 -4.18
C TRP B 379 9.11 27.26 -4.25
N VAL B 380 8.41 26.86 -5.31
CA VAL B 380 8.03 25.45 -5.45
C VAL B 380 9.25 24.59 -5.70
N SER B 381 10.17 25.07 -6.55
CA SER B 381 11.39 24.31 -6.82
C SER B 381 12.30 24.25 -5.59
N LYS B 382 12.32 25.32 -4.81
CA LYS B 382 13.11 25.34 -3.57
C LYS B 382 12.55 24.36 -2.54
N ARG B 383 11.23 24.34 -2.37
CA ARG B 383 10.62 23.40 -1.43
C ARG B 383 10.83 21.96 -1.88
N SER B 384 10.71 21.68 -3.17
CA SER B 384 10.85 20.31 -3.63
C SER B 384 12.31 19.85 -3.56
N PHE B 385 13.26 20.76 -3.77
CA PHE B 385 14.66 20.38 -3.64
C PHE B 385 15.04 20.18 -2.18
N LYS B 386 14.46 20.97 -1.28
CA LYS B 386 14.72 20.76 0.13
C LYS B 386 14.06 19.47 0.62
N ASN B 387 12.95 19.08 0.00
CA ASN B 387 12.37 17.76 0.26
C ASN B 387 13.26 16.65 -0.29
N LEU B 388 13.95 16.93 -1.40
CA LEU B 388 14.83 15.91 -1.99
C LEU B 388 16.07 15.69 -1.13
N LEU B 389 16.59 16.77 -0.53
CA LEU B 389 17.70 16.62 0.40
C LEU B 389 17.24 16.00 1.72
N GLY B 390 16.09 16.43 2.23
CA GLY B 390 15.64 15.97 3.54
C GLY B 390 15.08 14.57 3.52
N ASN B 391 14.81 14.03 2.35
CA ASN B 391 14.49 12.63 2.19
C ASN B 391 15.73 11.94 1.64
N PRO B 392 16.59 11.38 2.50
CA PRO B 392 17.89 10.92 2.00
C PRO B 392 17.84 9.56 1.34
N GLN B 393 16.85 8.73 1.67
CA GLN B 393 16.95 7.32 1.32
C GLN B 393 16.68 7.08 -0.16
N ALA B 394 15.56 7.59 -0.68
CA ALA B 394 15.19 7.29 -2.06
C ALA B 394 16.00 8.13 -3.05
N SER B 395 16.79 9.09 -2.56
CA SER B 395 17.67 9.84 -3.44
C SER B 395 19.10 9.31 -3.40
N ILE B 396 19.60 8.95 -2.22
CA ILE B 396 20.97 8.45 -2.11
C ILE B 396 21.05 7.00 -2.55
N ALA B 397 19.99 6.21 -2.30
CA ALA B 397 20.03 4.79 -2.60
C ALA B 397 20.04 4.52 -4.09
N GLN B 398 19.45 5.43 -4.88
CA GLN B 398 19.53 5.27 -6.33
C GLN B 398 20.94 5.49 -6.84
N ILE B 399 21.66 6.45 -6.26
CA ILE B 399 23.05 6.69 -6.64
C ILE B 399 23.93 5.53 -6.19
N ILE B 400 23.64 4.95 -5.03
CA ILE B 400 24.42 3.80 -4.54
C ILE B 400 24.20 2.59 -5.42
N VAL B 401 22.95 2.33 -5.81
CA VAL B 401 22.65 1.21 -6.70
C VAL B 401 23.22 1.44 -8.09
N THR B 402 23.25 2.71 -8.54
CA THR B 402 23.88 3.02 -9.82
C THR B 402 25.38 2.79 -9.79
N VAL B 403 26.06 3.18 -8.71
CA VAL B 403 27.50 2.96 -8.58
C VAL B 403 27.81 1.46 -8.52
N VAL B 404 27.03 0.71 -7.73
CA VAL B 404 27.29 -0.72 -7.57
C VAL B 404 27.02 -1.47 -8.87
N LEU B 405 25.95 -1.12 -9.57
CA LEU B 405 25.66 -1.80 -10.82
C LEU B 405 26.62 -1.39 -11.93
N GLY B 406 27.13 -0.15 -11.89
CA GLY B 406 28.17 0.23 -12.82
C GLY B 406 29.46 -0.51 -12.59
N LEU B 407 29.80 -0.75 -11.33
CA LEU B 407 31.00 -1.55 -11.03
C LEU B 407 30.80 -3.00 -11.42
N VAL B 408 29.59 -3.54 -11.28
CA VAL B 408 29.34 -4.93 -11.66
C VAL B 408 29.42 -5.10 -13.17
N ILE B 409 28.85 -4.15 -13.93
CA ILE B 409 28.93 -4.22 -15.39
C ILE B 409 30.36 -3.93 -15.87
N GLY B 410 31.13 -3.16 -15.10
CA GLY B 410 32.53 -3.01 -15.44
C GLY B 410 33.35 -4.24 -15.11
N ALA B 411 32.86 -5.05 -14.17
CA ALA B 411 33.60 -6.25 -13.79
C ALA B 411 33.29 -7.43 -14.71
N ILE B 412 32.04 -7.51 -15.18
CA ILE B 412 31.66 -8.63 -16.03
C ILE B 412 32.18 -8.46 -17.44
N TYR B 413 31.97 -7.29 -18.02
CA TYR B 413 32.33 -7.03 -19.41
C TYR B 413 33.71 -6.43 -19.54
N PHE B 414 34.63 -6.77 -18.64
CA PHE B 414 35.89 -6.07 -18.57
C PHE B 414 36.78 -6.41 -19.76
N GLY B 415 37.26 -5.37 -20.44
CA GLY B 415 38.16 -5.55 -21.55
C GLY B 415 37.54 -6.20 -22.75
N LEU B 416 36.65 -5.48 -23.44
CA LEU B 416 35.94 -6.06 -24.58
C LEU B 416 36.89 -6.30 -25.73
N LYS B 417 37.00 -7.57 -26.15
CA LYS B 417 37.94 -7.95 -27.18
C LYS B 417 37.33 -7.72 -28.56
N ASN B 418 38.14 -7.90 -29.59
CA ASN B 418 37.69 -7.81 -30.97
C ASN B 418 37.85 -9.19 -31.59
N ASP B 419 36.85 -10.04 -31.40
CA ASP B 419 36.81 -11.37 -31.96
C ASP B 419 35.35 -11.73 -32.17
N SER B 420 35.05 -13.03 -32.26
CA SER B 420 33.68 -13.45 -32.52
C SER B 420 32.77 -13.18 -31.34
N THR B 421 33.33 -12.95 -30.16
CA THR B 421 32.50 -12.64 -29.00
C THR B 421 32.31 -11.14 -28.85
N GLY B 422 32.99 -10.35 -29.68
CA GLY B 422 32.94 -8.91 -29.53
C GLY B 422 31.59 -8.31 -29.87
N ILE B 423 30.95 -8.85 -30.93
CA ILE B 423 29.60 -8.41 -31.30
C ILE B 423 28.62 -8.71 -30.19
N GLN B 424 28.66 -9.92 -29.64
CA GLN B 424 27.72 -10.31 -28.61
C GLN B 424 27.91 -9.53 -27.33
N ASN B 425 29.15 -9.30 -26.92
CA ASN B 425 29.40 -8.56 -25.69
C ASN B 425 29.02 -7.10 -25.84
N ARG B 426 29.34 -6.47 -26.97
CA ARG B 426 29.03 -5.05 -27.12
C ARG B 426 27.54 -4.82 -27.25
N ALA B 427 26.85 -5.62 -28.07
CA ALA B 427 25.40 -5.48 -28.19
C ALA B 427 24.69 -5.80 -26.88
N GLY B 428 25.23 -6.76 -26.10
CA GLY B 428 24.63 -7.09 -24.83
C GLY B 428 24.77 -5.97 -23.80
N VAL B 429 25.95 -5.36 -23.72
CA VAL B 429 26.12 -4.34 -22.69
C VAL B 429 25.39 -3.06 -23.06
N LEU B 430 25.25 -2.77 -24.35
CA LEU B 430 24.50 -1.57 -24.73
C LEU B 430 23.02 -1.77 -24.51
N PHE B 431 22.53 -2.99 -24.74
CA PHE B 431 21.14 -3.30 -24.44
C PHE B 431 20.86 -3.24 -22.95
N PHE B 432 21.79 -3.74 -22.14
CA PHE B 432 21.61 -3.69 -20.70
C PHE B 432 21.57 -2.26 -20.20
N LEU B 433 22.43 -1.38 -20.74
CA LEU B 433 22.46 0.00 -20.26
C LEU B 433 21.19 0.75 -20.63
N THR B 434 20.68 0.58 -21.86
CA THR B 434 19.47 1.33 -22.22
C THR B 434 18.24 0.81 -21.49
N THR B 435 18.08 -0.50 -21.39
CA THR B 435 16.88 -1.00 -20.72
C THR B 435 16.99 -0.81 -19.21
N ASN B 436 18.20 -0.67 -18.69
CA ASN B 436 18.38 -0.26 -17.31
C ASN B 436 17.92 1.16 -17.09
N GLN B 437 18.26 2.08 -18.01
CA GLN B 437 17.76 3.46 -17.90
C GLN B 437 16.25 3.51 -17.93
N CYS B 438 15.64 2.73 -18.83
CA CYS B 438 14.19 2.72 -18.93
C CYS B 438 13.53 2.16 -17.67
N PHE B 439 14.01 1.05 -17.14
CA PHE B 439 13.35 0.48 -15.97
C PHE B 439 13.70 1.22 -14.69
N SER B 440 14.83 1.90 -14.63
CA SER B 440 15.11 2.68 -13.44
C SER B 440 14.35 4.00 -13.45
N SER B 441 13.82 4.38 -14.62
CA SER B 441 12.93 5.53 -14.63
C SER B 441 11.46 5.19 -14.32
N VAL B 442 11.20 4.08 -13.63
CA VAL B 442 9.83 3.81 -13.18
C VAL B 442 9.60 4.47 -11.82
N SER B 443 10.68 4.78 -11.11
CA SER B 443 10.55 5.41 -9.80
C SER B 443 10.20 6.89 -9.86
N ALA B 444 9.89 7.41 -11.06
CA ALA B 444 9.32 8.75 -11.15
C ALA B 444 7.82 8.73 -11.33
N VAL B 445 7.21 7.55 -11.21
CA VAL B 445 5.75 7.49 -11.05
C VAL B 445 5.35 8.13 -9.75
N GLU B 446 6.15 7.90 -8.70
CA GLU B 446 5.99 8.38 -7.33
C GLU B 446 5.82 9.90 -7.21
N LEU B 447 6.35 10.63 -8.17
CA LEU B 447 6.55 12.07 -8.07
C LEU B 447 5.22 12.82 -7.98
N PHE B 448 4.39 12.71 -9.00
CA PHE B 448 3.12 13.42 -9.00
C PHE B 448 2.00 12.66 -8.30
N VAL B 449 2.30 11.51 -7.69
CA VAL B 449 1.26 10.72 -7.04
C VAL B 449 1.33 10.90 -5.53
N VAL B 450 2.54 10.98 -4.96
CA VAL B 450 2.67 11.19 -3.53
C VAL B 450 2.21 12.60 -3.14
N GLU B 451 2.51 13.57 -3.99
CA GLU B 451 2.19 14.96 -3.73
C GLU B 451 0.85 15.37 -4.32
N LYS B 452 -0.11 14.45 -4.42
CA LYS B 452 -1.32 14.75 -5.19
C LYS B 452 -2.31 15.57 -4.37
N LYS B 453 -2.56 15.17 -3.12
CA LYS B 453 -3.51 15.88 -2.30
C LYS B 453 -2.96 17.24 -1.88
N LEU B 454 -1.64 17.32 -1.71
CA LEU B 454 -1.02 18.61 -1.45
C LEU B 454 -1.12 19.53 -2.65
N PHE B 455 -1.00 18.98 -3.87
CA PHE B 455 -1.19 19.78 -5.06
C PHE B 455 -2.61 20.30 -5.18
N ILE B 456 -3.60 19.45 -4.91
CA ILE B 456 -4.99 19.87 -5.03
C ILE B 456 -5.31 20.94 -4.00
N HIS B 457 -4.89 20.74 -2.75
CA HIS B 457 -5.18 21.70 -1.70
C HIS B 457 -4.48 23.03 -1.94
N GLU B 458 -3.24 22.99 -2.41
CA GLU B 458 -2.52 24.23 -2.62
C GLU B 458 -2.91 24.92 -3.92
N TYR B 459 -3.50 24.20 -4.88
CA TYR B 459 -4.00 24.88 -6.05
C TYR B 459 -5.33 25.54 -5.78
N ILE B 460 -6.20 24.89 -5.01
CA ILE B 460 -7.47 25.53 -4.68
C ILE B 460 -7.25 26.71 -3.76
N SER B 461 -6.36 26.56 -2.77
CA SER B 461 -6.08 27.67 -1.86
C SER B 461 -5.28 28.77 -2.56
N GLY B 462 -4.74 28.49 -3.73
CA GLY B 462 -4.22 29.53 -4.58
C GLY B 462 -2.78 29.92 -4.33
N TYR B 463 -1.90 28.95 -4.10
CA TYR B 463 -0.50 29.32 -3.93
C TYR B 463 0.14 29.54 -5.29
N TYR B 464 -0.20 28.69 -6.25
CA TYR B 464 0.51 28.64 -7.53
C TYR B 464 -0.43 28.20 -8.64
N ARG B 465 -0.02 28.51 -9.88
CA ARG B 465 -0.67 27.96 -11.05
C ARG B 465 -0.29 26.49 -11.22
N VAL B 466 -0.87 25.84 -12.21
CA VAL B 466 -0.45 24.46 -12.49
C VAL B 466 0.87 24.48 -13.24
N SER B 467 1.11 25.52 -14.05
CA SER B 467 2.33 25.60 -14.85
C SER B 467 3.56 25.76 -13.97
N SER B 468 3.49 26.59 -12.94
CA SER B 468 4.61 26.78 -12.07
C SER B 468 4.88 25.60 -11.17
N TYR B 469 3.85 24.93 -10.67
CA TYR B 469 4.04 23.67 -9.95
C TYR B 469 4.71 22.63 -10.81
N PHE B 470 4.25 22.51 -12.05
CA PHE B 470 4.78 21.50 -12.96
C PHE B 470 6.23 21.78 -13.31
N LEU B 471 6.55 23.02 -13.67
CA LEU B 471 7.93 23.34 -14.03
C LEU B 471 8.86 23.32 -12.83
N GLY B 472 8.37 23.71 -11.66
CA GLY B 472 9.21 23.63 -10.48
C GLY B 472 9.51 22.21 -10.08
N LYS B 473 8.52 21.33 -10.16
CA LYS B 473 8.77 19.95 -9.77
C LYS B 473 9.47 19.16 -10.86
N LEU B 474 9.49 19.65 -12.11
CA LEU B 474 10.42 19.06 -13.08
C LEU B 474 11.84 19.54 -12.86
N LEU B 475 12.01 20.83 -12.60
CA LEU B 475 13.34 21.40 -12.44
C LEU B 475 13.98 20.94 -11.15
N SER B 476 13.19 20.48 -10.19
CA SER B 476 13.71 20.09 -8.89
C SER B 476 13.98 18.60 -8.76
N ASP B 477 13.01 17.75 -9.04
CA ASP B 477 13.14 16.32 -8.77
C ASP B 477 13.47 15.50 -10.00
N LEU B 478 13.10 15.99 -11.18
CA LEU B 478 13.35 15.21 -12.38
C LEU B 478 14.74 15.47 -12.95
N LEU B 479 15.16 16.72 -12.97
CA LEU B 479 16.40 17.06 -13.68
C LEU B 479 17.67 16.51 -13.01
N PRO B 480 17.98 16.78 -11.73
CA PRO B 480 19.26 16.29 -11.21
C PRO B 480 19.30 14.79 -10.94
N MET B 481 18.18 14.18 -10.55
CA MET B 481 18.14 12.76 -10.26
C MET B 481 18.05 11.90 -11.51
N ARG B 482 18.03 12.51 -12.69
CA ARG B 482 18.23 11.79 -13.93
C ARG B 482 19.49 12.23 -14.67
N MET B 483 20.05 13.38 -14.32
CA MET B 483 21.38 13.70 -14.84
C MET B 483 22.46 12.89 -14.13
N LEU B 484 22.37 12.74 -12.80
CA LEU B 484 23.48 12.13 -12.07
C LEU B 484 23.68 10.64 -12.34
N PRO B 485 22.64 9.76 -12.36
CA PRO B 485 22.93 8.34 -12.64
C PRO B 485 23.49 8.05 -14.03
N SER B 486 23.10 8.80 -15.05
CA SER B 486 23.62 8.53 -16.39
C SER B 486 25.07 8.93 -16.53
N ILE B 487 25.45 10.04 -15.90
CA ILE B 487 26.86 10.44 -15.83
C ILE B 487 27.68 9.39 -15.09
N ILE B 488 27.12 8.84 -14.01
CA ILE B 488 27.84 7.82 -13.25
C ILE B 488 27.99 6.52 -14.04
N PHE B 489 26.94 6.09 -14.76
CA PHE B 489 27.04 4.90 -15.61
C PHE B 489 28.08 5.08 -16.71
N THR B 490 28.08 6.22 -17.39
CA THR B 490 29.00 6.38 -18.50
C THR B 490 30.45 6.49 -18.01
N CYS B 491 30.67 7.23 -16.93
CA CYS B 491 32.03 7.40 -16.41
C CYS B 491 32.58 6.12 -15.80
N ILE B 492 31.70 5.23 -15.32
CA ILE B 492 32.21 3.97 -14.79
C ILE B 492 32.37 2.92 -15.90
N VAL B 493 31.28 2.55 -16.59
CA VAL B 493 31.35 1.42 -17.51
C VAL B 493 32.01 1.79 -18.83
N TYR B 494 32.35 3.05 -19.04
CA TYR B 494 33.02 3.32 -20.30
C TYR B 494 34.45 2.84 -20.32
N PHE B 495 35.29 3.32 -19.40
CA PHE B 495 36.71 3.01 -19.47
C PHE B 495 37.08 1.64 -18.94
N MET B 496 36.23 1.02 -18.13
CA MET B 496 36.50 -0.35 -17.71
C MET B 496 36.24 -1.33 -18.84
N LEU B 497 35.20 -1.08 -19.62
CA LEU B 497 34.93 -1.94 -20.76
C LEU B 497 35.90 -1.70 -21.90
N GLY B 498 36.33 -0.47 -22.09
CA GLY B 498 37.16 -0.18 -23.23
C GLY B 498 36.33 -0.13 -24.49
N LEU B 499 35.38 0.80 -24.53
CA LEU B 499 34.62 1.08 -25.72
C LEU B 499 35.45 1.98 -26.64
N LYS B 500 34.82 2.58 -27.65
CA LYS B 500 35.50 3.35 -28.69
C LYS B 500 36.28 4.52 -28.13
N PRO B 501 37.61 4.45 -28.11
CA PRO B 501 38.42 5.38 -27.29
C PRO B 501 38.60 6.74 -27.98
N LYS B 502 37.53 7.50 -28.05
CA LYS B 502 37.55 8.84 -28.62
C LYS B 502 37.10 9.82 -27.55
N ALA B 503 37.10 11.10 -27.89
CA ALA B 503 36.59 12.10 -26.96
C ALA B 503 35.09 12.27 -27.11
N ASP B 504 34.60 12.33 -28.34
CA ASP B 504 33.20 12.65 -28.55
C ASP B 504 32.28 11.44 -28.42
N ALA B 505 32.80 10.22 -28.61
CA ALA B 505 31.97 9.03 -28.47
C ALA B 505 31.54 8.85 -27.02
N PHE B 506 32.40 9.24 -26.08
CA PHE B 506 32.06 9.26 -24.66
C PHE B 506 30.90 10.21 -24.40
N PHE B 507 30.93 11.39 -25.02
CA PHE B 507 29.89 12.38 -24.76
C PHE B 507 28.59 12.02 -25.46
N VAL B 508 28.67 11.37 -26.62
CA VAL B 508 27.46 10.90 -27.29
C VAL B 508 26.83 9.77 -26.49
N MET B 509 27.64 8.92 -25.87
CA MET B 509 27.09 7.86 -25.02
C MET B 509 26.45 8.42 -23.77
N MET B 510 27.11 9.39 -23.12
CA MET B 510 26.53 10.03 -21.94
C MET B 510 25.25 10.76 -22.27
N PHE B 511 25.20 11.45 -23.42
CA PHE B 511 24.03 12.19 -23.81
C PHE B 511 22.88 11.26 -24.20
N THR B 512 23.20 10.13 -24.82
CA THR B 512 22.15 9.20 -25.21
C THR B 512 21.54 8.51 -23.99
N LEU B 513 22.38 8.16 -23.00
CA LEU B 513 21.83 7.60 -21.77
C LEU B 513 21.01 8.62 -21.00
N MET B 514 21.42 9.89 -21.03
CA MET B 514 20.64 10.92 -20.35
C MET B 514 19.30 11.16 -21.06
N MET B 515 19.29 11.10 -22.39
CA MET B 515 18.05 11.32 -23.12
C MET B 515 17.09 10.16 -22.98
N VAL B 516 17.60 8.92 -22.93
CA VAL B 516 16.69 7.79 -22.75
C VAL B 516 16.16 7.76 -21.32
N ALA B 517 16.95 8.28 -20.36
CA ALA B 517 16.45 8.43 -18.99
C ALA B 517 15.34 9.44 -18.90
N TYR B 518 15.53 10.62 -19.51
CA TYR B 518 14.49 11.64 -19.55
C TYR B 518 13.24 11.17 -20.27
N SER B 519 13.40 10.43 -21.36
CA SER B 519 12.24 10.07 -22.16
C SER B 519 11.42 8.98 -21.49
N ALA B 520 12.09 7.99 -20.87
CA ALA B 520 11.35 6.99 -20.11
C ALA B 520 10.70 7.60 -18.88
N SER B 521 11.37 8.55 -18.24
CA SER B 521 10.79 9.16 -17.05
C SER B 521 9.67 10.12 -17.42
N SER B 522 9.73 10.70 -18.61
CA SER B 522 8.64 11.56 -19.07
C SER B 522 7.42 10.75 -19.44
N MET B 523 7.62 9.53 -19.95
CA MET B 523 6.47 8.64 -20.13
C MET B 523 5.90 8.21 -18.79
N ALA B 524 6.76 8.06 -17.79
CA ALA B 524 6.27 7.77 -16.43
C ALA B 524 5.42 8.89 -15.90
N LEU B 525 5.84 10.13 -16.14
CA LEU B 525 5.04 11.27 -15.68
C LEU B 525 3.77 11.42 -16.49
N ALA B 526 3.79 11.01 -17.76
CA ALA B 526 2.59 11.14 -18.57
C ALA B 526 1.54 10.12 -18.16
N ILE B 527 1.98 8.93 -17.75
CA ILE B 527 1.02 7.92 -17.32
C ILE B 527 0.59 8.16 -15.87
N ALA B 528 1.50 8.71 -15.07
CA ALA B 528 1.32 8.68 -13.62
C ALA B 528 0.63 9.92 -13.08
N ALA B 529 0.63 11.02 -13.83
CA ALA B 529 0.13 12.28 -13.30
C ALA B 529 -1.38 12.25 -13.15
N GLY B 530 -1.86 12.84 -12.06
CA GLY B 530 -3.29 12.92 -11.84
C GLY B 530 -3.94 11.63 -11.39
N GLN B 531 -3.17 10.68 -10.86
CA GLN B 531 -3.73 9.47 -10.28
C GLN B 531 -3.43 9.44 -8.80
N SER B 532 -4.08 8.52 -8.08
CA SER B 532 -3.94 8.50 -6.63
C SER B 532 -3.13 7.30 -6.14
N VAL B 533 -3.14 6.20 -6.88
CA VAL B 533 -2.43 4.99 -6.50
C VAL B 533 -1.16 4.88 -7.32
N VAL B 534 -0.18 4.13 -6.80
CA VAL B 534 1.11 4.01 -7.47
C VAL B 534 1.15 2.72 -8.28
N SER B 535 0.44 1.69 -7.83
CA SER B 535 0.66 0.33 -8.29
C SER B 535 0.19 0.12 -9.73
N VAL B 536 -0.95 0.69 -10.09
CA VAL B 536 -1.47 0.50 -11.44
C VAL B 536 -0.61 1.26 -12.46
N ALA B 537 -0.14 2.44 -12.09
CA ALA B 537 0.72 3.21 -12.99
C ALA B 537 2.09 2.55 -13.15
N THR B 538 2.64 2.02 -12.06
CA THR B 538 3.91 1.30 -12.13
C THR B 538 3.80 0.04 -12.99
N LEU B 539 2.71 -0.70 -12.83
CA LEU B 539 2.48 -1.90 -13.64
C LEU B 539 2.31 -1.54 -15.11
N LEU B 540 1.62 -0.44 -15.40
CA LEU B 540 1.42 -0.04 -16.78
C LEU B 540 2.71 0.42 -17.43
N MET B 541 3.58 1.10 -16.66
CA MET B 541 4.92 1.44 -17.13
C MET B 541 5.72 0.20 -17.49
N THR B 542 5.62 -0.84 -16.65
CA THR B 542 6.42 -2.03 -16.90
C THR B 542 5.90 -2.81 -18.11
N ILE B 543 4.57 -2.83 -18.32
CA ILE B 543 4.01 -3.47 -19.52
C ILE B 543 4.47 -2.74 -20.78
N CYS B 544 4.40 -1.40 -20.77
CA CYS B 544 4.88 -0.61 -21.91
C CYS B 544 6.36 -0.86 -22.19
N PHE B 545 7.17 -1.03 -21.15
CA PHE B 545 8.60 -1.24 -21.36
C PHE B 545 8.90 -2.64 -21.89
N VAL B 546 8.13 -3.66 -21.50
CA VAL B 546 8.44 -4.98 -22.03
C VAL B 546 7.89 -5.12 -23.44
N PHE B 547 6.98 -4.24 -23.85
CA PHE B 547 6.63 -4.22 -25.26
C PHE B 547 7.54 -3.32 -26.07
N MET B 548 8.29 -2.43 -25.41
CA MET B 548 9.29 -1.64 -26.13
C MET B 548 10.58 -2.41 -26.35
N MET B 549 10.96 -3.25 -25.39
CA MET B 549 12.26 -3.91 -25.48
C MET B 549 12.26 -5.06 -26.48
N ILE B 550 11.10 -5.53 -26.90
CA ILE B 550 11.08 -6.47 -28.01
C ILE B 550 11.51 -5.76 -29.28
N PHE B 551 10.98 -4.56 -29.50
CA PHE B 551 11.30 -3.79 -30.70
C PHE B 551 12.56 -2.97 -30.55
N SER B 552 13.31 -3.13 -29.46
CA SER B 552 14.60 -2.46 -29.33
C SER B 552 15.59 -2.88 -30.41
N GLY B 553 15.66 -4.17 -30.74
CA GLY B 553 16.48 -4.63 -31.83
C GLY B 553 17.51 -5.69 -31.48
N LEU B 554 17.69 -6.00 -30.20
CA LEU B 554 18.59 -7.11 -29.86
C LEU B 554 17.86 -8.44 -29.95
N LEU B 555 16.63 -8.50 -29.46
CA LEU B 555 15.91 -9.76 -29.42
C LEU B 555 15.45 -10.18 -30.82
N VAL B 556 14.66 -9.34 -31.48
CA VAL B 556 14.21 -9.59 -32.83
C VAL B 556 15.05 -8.72 -33.75
N ASN B 557 15.29 -9.19 -34.97
CA ASN B 557 15.89 -8.31 -35.95
C ASN B 557 14.79 -7.50 -36.62
N LEU B 558 14.99 -6.19 -36.70
CA LEU B 558 13.90 -5.28 -37.03
C LEU B 558 13.48 -5.39 -38.49
N THR B 559 14.37 -5.87 -39.35
CA THR B 559 14.01 -6.01 -40.75
C THR B 559 13.14 -7.24 -40.98
N THR B 560 13.23 -8.23 -40.09
CA THR B 560 12.48 -9.47 -40.29
C THR B 560 11.09 -9.42 -39.68
N ILE B 561 10.71 -8.30 -39.04
CA ILE B 561 9.34 -8.15 -38.60
C ILE B 561 8.48 -7.88 -39.83
N ALA B 562 7.28 -8.46 -39.85
CA ALA B 562 6.32 -8.22 -40.91
C ALA B 562 5.96 -6.74 -40.98
N SER B 563 5.61 -6.29 -42.19
CA SER B 563 5.52 -4.85 -42.43
C SER B 563 4.24 -4.27 -41.86
N TRP B 564 3.27 -5.11 -41.53
CA TRP B 564 2.05 -4.60 -40.92
C TRP B 564 2.21 -4.45 -39.42
N LEU B 565 3.36 -4.87 -38.88
CA LEU B 565 3.65 -4.81 -37.47
C LEU B 565 4.98 -4.12 -37.20
N SER B 566 5.77 -3.85 -38.23
CA SER B 566 7.06 -3.19 -38.03
C SER B 566 6.93 -1.70 -37.84
N TRP B 567 5.72 -1.16 -37.90
CA TRP B 567 5.53 0.26 -37.64
C TRP B 567 5.48 0.56 -36.15
N LEU B 568 5.41 -0.48 -35.31
CA LEU B 568 5.41 -0.24 -33.86
C LEU B 568 6.80 0.03 -33.33
N GLN B 569 7.82 -0.11 -34.16
CA GLN B 569 9.18 0.07 -33.67
C GLN B 569 9.52 1.54 -33.49
N TYR B 570 8.62 2.44 -33.88
CA TYR B 570 8.90 3.86 -33.73
C TYR B 570 8.39 4.37 -32.39
N PHE B 571 7.54 3.60 -31.73
CA PHE B 571 6.99 4.01 -30.45
C PHE B 571 7.95 3.75 -29.29
N SER B 572 9.04 3.04 -29.52
CA SER B 572 9.80 2.44 -28.44
C SER B 572 11.08 3.23 -28.17
N ILE B 573 11.20 3.72 -26.94
CA ILE B 573 12.34 4.46 -26.41
C ILE B 573 13.64 3.66 -26.34
N PRO B 574 13.67 2.36 -25.92
CA PRO B 574 14.94 1.64 -25.99
C PRO B 574 15.47 1.43 -27.38
N ARG B 575 14.60 1.42 -28.40
CA ARG B 575 15.09 1.28 -29.78
C ARG B 575 15.87 2.49 -30.20
N TYR B 576 15.44 3.69 -29.81
CA TYR B 576 16.17 4.89 -30.17
C TYR B 576 17.47 5.01 -29.38
N GLY B 577 17.42 4.74 -28.07
CA GLY B 577 18.65 4.81 -27.29
C GLY B 577 19.66 3.76 -27.70
N PHE B 578 19.21 2.54 -27.94
CA PHE B 578 20.06 1.43 -28.30
C PHE B 578 20.58 1.52 -29.72
N THR B 579 19.78 2.03 -30.66
CA THR B 579 20.27 2.27 -32.01
C THR B 579 21.30 3.39 -32.04
N ALA B 580 21.10 4.42 -31.22
CA ALA B 580 22.09 5.49 -31.14
C ALA B 580 23.40 5.00 -30.53
N LEU B 581 23.32 4.14 -29.52
CA LEU B 581 24.55 3.63 -28.92
C LEU B 581 25.28 2.65 -29.83
N GLN B 582 24.54 1.79 -30.53
CA GLN B 582 25.17 0.89 -31.50
C GLN B 582 25.80 1.64 -32.66
N HIS B 583 25.14 2.68 -33.15
CA HIS B 583 25.74 3.47 -34.22
C HIS B 583 26.91 4.28 -33.71
N ASN B 584 26.89 4.65 -32.43
CA ASN B 584 28.02 5.34 -31.84
C ASN B 584 29.23 4.43 -31.75
N GLU B 585 29.03 3.16 -31.43
CA GLU B 585 30.15 2.37 -31.01
C GLU B 585 30.65 1.40 -32.08
N PHE B 586 29.83 1.01 -33.04
CA PHE B 586 30.21 -0.05 -33.97
C PHE B 586 30.86 0.43 -35.26
N LEU B 587 31.28 1.70 -35.35
CA LEU B 587 31.74 2.18 -36.65
C LEU B 587 33.17 1.74 -36.96
N GLY B 588 34.15 2.22 -36.21
CA GLY B 588 35.53 1.95 -36.51
C GLY B 588 36.06 0.61 -36.07
N GLN B 589 35.20 -0.35 -35.75
CA GLN B 589 35.68 -1.60 -35.17
C GLN B 589 35.76 -2.70 -36.22
N ASN B 590 36.76 -3.57 -36.06
CA ASN B 590 36.89 -4.81 -36.84
C ASN B 590 36.83 -5.98 -35.88
N PHE B 591 36.11 -7.03 -36.28
CA PHE B 591 35.85 -8.17 -35.40
C PHE B 591 36.34 -9.48 -36.00
N CYS B 592 37.34 -9.44 -36.87
CA CYS B 592 37.99 -10.63 -37.36
C CYS B 592 39.50 -10.43 -37.30
N PRO B 593 40.20 -11.00 -36.34
CA PRO B 593 41.62 -10.70 -36.17
C PRO B 593 42.51 -11.48 -37.14
N GLY B 594 43.55 -10.82 -37.65
CA GLY B 594 44.45 -11.45 -38.60
C GLY B 594 43.80 -11.81 -39.91
N LEU B 595 42.87 -10.99 -40.38
CA LEU B 595 42.01 -11.40 -41.48
C LEU B 595 42.67 -11.16 -42.83
N ASN B 596 43.00 -9.89 -43.12
CA ASN B 596 43.61 -9.31 -44.33
C ASN B 596 43.18 -9.99 -45.64
N ALA B 597 41.86 -10.15 -45.79
CA ALA B 597 41.18 -10.77 -46.93
C ALA B 597 41.66 -12.19 -47.20
N THR B 598 41.53 -13.09 -46.23
CA THR B 598 41.91 -14.48 -46.45
C THR B 598 40.85 -15.20 -47.29
N GLY B 599 39.58 -15.11 -46.89
CA GLY B 599 38.54 -15.85 -47.57
C GLY B 599 37.75 -15.03 -48.57
N ASN B 600 38.43 -14.07 -49.24
CA ASN B 600 37.90 -13.30 -50.37
C ASN B 600 36.64 -12.52 -49.98
N ASN B 601 36.83 -11.50 -49.11
CA ASN B 601 35.75 -10.72 -48.49
C ASN B 601 34.82 -11.68 -47.77
N PRO B 602 35.14 -12.05 -46.53
CA PRO B 602 35.16 -13.47 -46.11
C PRO B 602 33.86 -14.23 -46.22
N CYS B 603 33.61 -14.73 -47.42
CA CYS B 603 32.76 -15.89 -47.72
C CYS B 603 31.29 -15.60 -47.38
N ASN B 604 30.89 -14.32 -47.41
CA ASN B 604 29.53 -13.81 -47.46
C ASN B 604 28.73 -14.07 -46.18
N TYR B 605 29.29 -14.74 -45.18
CA TYR B 605 28.57 -15.03 -43.95
C TYR B 605 29.41 -14.71 -42.72
N ALA B 606 30.24 -13.67 -42.78
CA ALA B 606 31.26 -13.48 -41.76
C ALA B 606 30.79 -12.54 -40.66
N THR B 607 30.24 -11.38 -41.04
CA THR B 607 30.04 -10.22 -40.17
C THR B 607 31.36 -9.86 -39.48
N CYS B 608 32.33 -9.43 -40.29
CA CYS B 608 33.65 -9.06 -39.76
C CYS B 608 33.72 -7.60 -39.34
N THR B 609 33.50 -6.68 -40.28
CA THR B 609 33.61 -5.29 -39.91
C THR B 609 32.34 -4.85 -39.17
N GLY B 610 32.44 -3.73 -38.47
CA GLY B 610 31.31 -3.28 -37.67
C GLY B 610 30.17 -2.74 -38.51
N GLU B 611 30.51 -2.16 -39.67
CA GLU B 611 29.47 -1.65 -40.56
C GLU B 611 28.64 -2.77 -41.14
N GLU B 612 29.23 -3.95 -41.33
CA GLU B 612 28.47 -5.05 -41.89
C GLU B 612 27.47 -5.61 -40.87
N TYR B 613 27.80 -5.52 -39.58
CA TYR B 613 26.81 -5.79 -38.56
C TYR B 613 25.77 -4.70 -38.51
N LEU B 614 26.20 -3.45 -38.63
CA LEU B 614 25.31 -2.33 -38.36
C LEU B 614 24.35 -2.10 -39.52
N VAL B 615 24.67 -2.64 -40.69
CA VAL B 615 23.74 -2.56 -41.82
C VAL B 615 22.62 -3.59 -41.66
N LYS B 616 22.97 -4.84 -41.39
CA LYS B 616 21.98 -5.91 -41.35
C LYS B 616 21.08 -5.86 -40.13
N GLN B 617 21.35 -4.97 -39.18
CA GLN B 617 20.37 -4.66 -38.16
C GLN B 617 19.32 -3.68 -38.64
N GLY B 618 19.55 -3.02 -39.77
CA GLY B 618 18.65 -1.99 -40.22
C GLY B 618 19.02 -0.60 -39.79
N ILE B 619 20.28 -0.35 -39.46
CA ILE B 619 20.69 0.95 -38.96
C ILE B 619 21.46 1.69 -40.05
N ASP B 620 21.13 2.97 -40.24
CA ASP B 620 21.81 3.80 -41.23
C ASP B 620 23.25 4.05 -40.81
N LEU B 621 24.11 4.32 -41.79
CA LEU B 621 25.52 4.55 -41.49
C LEU B 621 25.87 6.04 -41.49
N SER B 622 25.01 6.86 -42.09
CA SER B 622 25.21 8.30 -42.11
C SER B 622 25.00 8.87 -40.71
N PRO B 623 25.53 10.06 -40.41
CA PRO B 623 25.32 10.62 -39.06
C PRO B 623 23.89 11.03 -38.77
N TRP B 624 23.04 11.16 -39.79
CA TRP B 624 21.62 11.30 -39.51
C TRP B 624 21.05 10.03 -38.90
N GLY B 625 21.65 8.88 -39.23
CA GLY B 625 21.26 7.64 -38.58
C GLY B 625 21.62 7.60 -37.11
N LEU B 626 22.52 8.49 -36.68
CA LEU B 626 22.75 8.69 -35.26
C LEU B 626 21.76 9.69 -34.67
N TRP B 627 21.63 10.86 -35.30
CA TRP B 627 20.98 11.95 -34.59
C TRP B 627 19.47 11.95 -34.74
N LYS B 628 18.92 11.12 -35.64
CA LYS B 628 17.47 11.04 -35.68
C LYS B 628 16.92 10.32 -34.47
N ASN B 629 17.74 9.48 -33.83
CA ASN B 629 17.36 8.87 -32.58
C ASN B 629 17.23 9.91 -31.47
N HIS B 630 18.18 10.85 -31.42
CA HIS B 630 18.11 11.88 -30.38
C HIS B 630 16.98 12.86 -30.63
N VAL B 631 16.67 13.16 -31.90
CA VAL B 631 15.54 14.07 -32.11
C VAL B 631 14.22 13.35 -31.86
N ALA B 632 14.19 12.03 -32.04
CA ALA B 632 12.99 11.28 -31.68
C ALA B 632 12.80 11.23 -30.18
N LEU B 633 13.90 11.09 -29.44
CA LEU B 633 13.81 11.12 -27.98
C LEU B 633 13.42 12.49 -27.46
N ALA B 634 13.92 13.56 -28.09
CA ALA B 634 13.55 14.90 -27.66
C ALA B 634 12.08 15.20 -27.95
N CYS B 635 11.57 14.71 -29.08
CA CYS B 635 10.15 14.92 -29.36
C CYS B 635 9.27 14.06 -28.46
N MET B 636 9.75 12.89 -28.03
CA MET B 636 8.96 12.11 -27.08
C MET B 636 8.98 12.74 -25.69
N ILE B 637 10.09 13.39 -25.32
CA ILE B 637 10.11 14.17 -24.08
C ILE B 637 9.08 15.30 -24.14
N VAL B 638 9.03 16.02 -25.26
CA VAL B 638 8.10 17.15 -25.38
C VAL B 638 6.65 16.68 -25.37
N ILE B 639 6.34 15.60 -26.10
CA ILE B 639 4.96 15.10 -26.15
C ILE B 639 4.54 14.54 -24.80
N PHE B 640 5.42 13.81 -24.11
CA PHE B 640 5.04 13.19 -22.86
C PHE B 640 4.93 14.21 -21.73
N LEU B 641 5.77 15.24 -21.73
CA LEU B 641 5.60 16.28 -20.72
C LEU B 641 4.38 17.14 -21.00
N THR B 642 4.01 17.31 -22.27
CA THR B 642 2.79 18.04 -22.58
C THR B 642 1.56 17.25 -22.16
N ILE B 643 1.57 15.93 -22.34
CA ILE B 643 0.45 15.10 -21.88
C ILE B 643 0.37 15.09 -20.36
N ALA B 644 1.52 15.08 -19.69
CA ALA B 644 1.52 15.16 -18.22
C ALA B 644 0.99 16.49 -17.73
N TYR B 645 1.34 17.58 -18.41
CA TYR B 645 0.82 18.89 -18.05
C TYR B 645 -0.68 18.98 -18.27
N LEU B 646 -1.18 18.41 -19.36
CA LEU B 646 -2.62 18.48 -19.61
C LEU B 646 -3.39 17.59 -18.66
N LYS B 647 -2.78 16.50 -18.19
CA LYS B 647 -3.47 15.68 -17.20
C LYS B 647 -3.46 16.33 -15.83
N LEU B 648 -2.45 17.16 -15.54
CA LEU B 648 -2.53 17.95 -14.31
C LEU B 648 -3.52 19.10 -14.44
N LEU B 649 -3.57 19.72 -15.63
CA LEU B 649 -4.38 20.92 -15.78
C LEU B 649 -5.87 20.59 -15.88
N PHE B 650 -6.21 19.50 -16.54
CA PHE B 650 -7.61 19.11 -16.67
C PHE B 650 -8.05 18.16 -15.57
N LEU B 651 -7.38 18.17 -14.43
CA LEU B 651 -7.75 17.31 -13.32
C LEU B 651 -9.00 17.86 -12.63
N LYS B 652 -9.83 16.98 -12.09
CA LYS B 652 -10.95 17.43 -11.28
C LYS B 652 -10.44 17.87 -9.93
N LYS B 653 -10.31 19.19 -9.74
CA LYS B 653 -9.72 19.72 -8.53
C LYS B 653 -10.68 19.69 -7.34
N TYR B 654 -11.97 19.56 -7.58
CA TYR B 654 -12.93 19.63 -6.49
C TYR B 654 -13.24 18.28 -5.88
#